data_4GI2
#
_entry.id   4GI2
#
_cell.length_a   91.400
_cell.length_b   91.400
_cell.length_c   206.100
_cell.angle_alpha   90.00
_cell.angle_beta   90.00
_cell.angle_gamma   120.00
#
_symmetry.space_group_name_H-M   'P 31 2 1'
#
loop_
_entity.id
_entity.type
_entity.pdbx_description
1 polymer 'Crotonyl-CoA carboxylase/reductase'
2 non-polymer 'MAGNESIUM ION'
3 non-polymer 'NADP NICOTINAMIDE-ADENINE-DINUCLEOTIDE PHOSPHATE'
#
_entity_poly.entity_id   1
_entity_poly.type   'polypeptide(L)'
_entity_poly.pdbx_seq_one_letter_code
;MAASAAPAWTGQTAEAKDLYELGEIPPLGHVPAKMYAWAIRRERHGPPEQSHQLEVLPVWEIGDDEVLVYVMAAGVNYNG
VWAGLGEPISPFDVHKGEYHIAGSDASGIVWKVGAKVKRWKVGDEVIVHCNQDDGDDEECNGGDPMFSPTQRIWGYETGD
GSFAQFCRVQSRQLMARPKHLTWEEAACYTLTLATAYRMLFGHAPHTVRPGQNVLIWGASGGLGVFGVQLCAASGANAIA
VISDESKRDYVMSLGAKGVINRKDFDCWGQLPTVNSPEYNTWLKEARKFGKAIWDITGKGNDVDIVFEHPGEATFPVSTL
VAKRGGMIVFCAGTTGFNITFDARYVWMRQKRIQGSHFAHLKQASAANQFVMDRRVDPCMSEVFPWDKIPAAHTKMWKNQ
HPPGNMAVLVNSTRAGLRTVEDVIEAGPLKAMAAALEHHHHHH
;
_entity_poly.pdbx_strand_id   A,B
#
# COMPACT_ATOMS: atom_id res chain seq x y z
N PRO A 7 -23.60 -12.47 19.02
CA PRO A 7 -24.94 -12.14 19.49
C PRO A 7 -25.54 -13.18 20.44
N ALA A 8 -24.69 -13.98 21.08
CA ALA A 8 -25.14 -14.92 22.10
C ALA A 8 -25.59 -14.18 23.37
N TRP A 9 -25.06 -12.97 23.54
CA TRP A 9 -25.16 -12.21 24.78
C TRP A 9 -25.77 -10.84 24.54
N THR A 10 -26.49 -10.70 23.43
CA THR A 10 -27.07 -9.42 23.03
C THR A 10 -28.03 -8.77 24.05
N GLY A 11 -28.79 -9.58 24.79
CA GLY A 11 -29.80 -9.09 25.71
C GLY A 11 -29.56 -9.28 27.20
N GLN A 12 -28.42 -9.90 27.53
CA GLN A 12 -27.96 -9.98 28.93
C GLN A 12 -27.20 -8.73 29.30
N THR A 13 -27.43 -7.65 28.57
CA THR A 13 -26.67 -6.43 28.77
C THR A 13 -27.31 -5.51 29.80
N ALA A 14 -26.89 -4.24 29.78
CA ALA A 14 -27.44 -3.23 30.66
C ALA A 14 -28.37 -2.31 29.88
N GLU A 15 -28.89 -1.29 30.55
CA GLU A 15 -29.79 -0.33 29.93
C GLU A 15 -28.99 0.70 29.15
N ALA A 16 -29.71 1.56 28.43
CA ALA A 16 -29.05 2.64 27.71
C ALA A 16 -28.80 3.83 28.64
N LYS A 17 -27.52 4.13 28.88
CA LYS A 17 -27.11 5.25 29.72
C LYS A 17 -25.85 5.91 29.15
N ASP A 18 -25.40 6.99 29.77
CA ASP A 18 -24.29 7.79 29.23
C ASP A 18 -22.96 7.61 29.99
N LEU A 19 -22.91 6.62 30.86
CA LEU A 19 -21.66 6.26 31.53
C LEU A 19 -21.76 4.88 32.20
N TYR A 20 -20.81 4.01 31.89
CA TYR A 20 -20.83 2.65 32.39
C TYR A 20 -19.60 2.41 33.23
N GLU A 21 -19.69 1.48 34.18
CA GLU A 21 -18.51 1.08 34.93
C GLU A 21 -17.82 -0.06 34.17
N LEU A 22 -16.66 -0.48 34.65
CA LEU A 22 -15.89 -1.52 33.96
C LEU A 22 -16.68 -2.83 33.82
N GLY A 23 -16.68 -3.40 32.62
CA GLY A 23 -17.41 -4.63 32.37
C GLY A 23 -18.92 -4.49 32.54
N GLU A 24 -19.40 -3.27 32.71
CA GLU A 24 -20.83 -3.04 32.63
C GLU A 24 -21.16 -2.88 31.16
N ILE A 25 -21.44 -3.99 30.50
CA ILE A 25 -21.70 -4.02 29.06
C ILE A 25 -22.91 -3.16 28.68
N PRO A 26 -22.71 -2.22 27.76
CA PRO A 26 -23.86 -1.49 27.24
C PRO A 26 -24.53 -2.33 26.17
N PRO A 27 -25.76 -1.96 25.79
CA PRO A 27 -26.42 -2.68 24.71
C PRO A 27 -25.54 -2.49 23.49
N LEU A 28 -25.41 -3.53 22.68
CA LEU A 28 -24.58 -3.46 21.48
C LEU A 28 -24.90 -2.28 20.55
N GLY A 29 -23.89 -1.45 20.26
CA GLY A 29 -24.06 -0.32 19.37
C GLY A 29 -24.60 0.93 20.03
N HIS A 30 -24.83 0.84 21.33
CA HIS A 30 -25.13 2.05 22.08
C HIS A 30 -23.82 2.67 22.52
N VAL A 31 -23.68 3.98 22.33
CA VAL A 31 -22.45 4.66 22.70
C VAL A 31 -22.68 5.80 23.67
N PRO A 32 -22.21 5.62 24.92
CA PRO A 32 -22.35 6.57 26.03
C PRO A 32 -21.66 7.88 25.72
N ALA A 33 -22.21 8.97 26.22
CA ALA A 33 -21.60 10.28 26.00
C ALA A 33 -20.19 10.31 26.57
N LYS A 34 -19.95 9.48 27.58
CA LYS A 34 -18.71 9.58 28.34
C LYS A 34 -18.09 8.24 28.71
N MET A 35 -16.80 8.26 29.01
CA MET A 35 -16.08 7.06 29.41
C MET A 35 -15.05 7.38 30.47
N TYR A 36 -14.52 6.33 31.13
CA TYR A 36 -13.40 6.48 32.07
C TYR A 36 -12.11 6.24 31.32
N ALA A 37 -11.07 7.00 31.66
CA ALA A 37 -9.78 6.79 31.00
C ALA A 37 -8.57 7.21 31.84
N TRP A 38 -7.40 6.76 31.38
CA TRP A 38 -6.12 7.15 31.95
C TRP A 38 -5.47 8.16 31.01
N ALA A 39 -5.53 9.42 31.37
CA ALA A 39 -5.01 10.50 30.53
C ALA A 39 -3.77 11.18 31.08
N ILE A 40 -3.08 11.90 30.19
CA ILE A 40 -1.86 12.65 30.47
C ILE A 40 -2.08 14.11 30.02
N ARG A 41 -1.57 15.07 30.79
CA ARG A 41 -1.60 16.46 30.36
C ARG A 41 -0.23 17.06 30.54
N ARG A 42 0.07 18.08 29.75
CA ARG A 42 1.44 18.61 29.70
C ARG A 42 2.11 19.00 31.03
N GLU A 43 1.35 19.47 32.03
CA GLU A 43 1.95 19.86 33.31
C GLU A 43 2.19 18.70 34.25
N ARG A 44 1.51 17.58 34.02
CA ARG A 44 1.73 16.36 34.80
C ARG A 44 3.05 15.72 34.45
N HIS A 45 3.55 16.02 33.26
CA HIS A 45 4.71 15.33 32.71
C HIS A 45 5.72 14.90 33.78
N GLY A 46 6.07 13.62 33.73
CA GLY A 46 6.98 13.02 34.69
C GLY A 46 6.69 11.53 34.84
N PRO A 47 7.25 10.91 35.88
CA PRO A 47 7.09 9.48 36.19
C PRO A 47 5.65 9.00 36.03
N PRO A 48 5.50 7.79 35.48
CA PRO A 48 4.17 7.27 35.13
C PRO A 48 3.15 7.44 36.22
N GLU A 49 3.50 7.20 37.48
CA GLU A 49 2.51 7.31 38.54
C GLU A 49 2.10 8.75 38.80
N GLN A 50 2.96 9.67 38.35
CA GLN A 50 2.70 11.09 38.46
C GLN A 50 1.89 11.63 37.28
N SER A 51 2.29 11.27 36.06
CA SER A 51 1.70 11.85 34.84
C SER A 51 0.42 11.15 34.31
N HIS A 52 0.25 9.87 34.63
CA HIS A 52 -0.98 9.17 34.26
C HIS A 52 -1.99 9.28 35.41
N GLN A 53 -3.06 10.03 35.18
CA GLN A 53 -4.11 10.21 36.17
C GLN A 53 -5.46 9.89 35.56
N LEU A 54 -6.46 9.66 36.41
CA LEU A 54 -7.71 9.08 35.96
C LEU A 54 -8.80 10.13 35.76
N GLU A 55 -9.36 10.15 34.56
CA GLU A 55 -10.36 11.14 34.21
C GLU A 55 -11.59 10.54 33.59
N VAL A 56 -12.67 11.32 33.61
CA VAL A 56 -13.88 10.99 32.87
C VAL A 56 -13.99 11.92 31.68
N LEU A 57 -13.89 11.36 30.48
CA LEU A 57 -13.87 12.16 29.24
C LEU A 57 -14.99 11.74 28.29
N PRO A 58 -15.16 12.49 27.20
CA PRO A 58 -16.13 12.16 26.16
C PRO A 58 -15.63 11.04 25.29
N VAL A 59 -16.56 10.25 24.76
CA VAL A 59 -16.19 9.19 23.85
C VAL A 59 -15.88 9.77 22.47
N TRP A 60 -14.80 9.30 21.86
CA TRP A 60 -14.31 9.79 20.57
C TRP A 60 -15.35 9.87 19.48
N GLU A 61 -15.36 11.00 18.78
CA GLU A 61 -16.08 11.14 17.54
C GLU A 61 -15.28 10.38 16.45
N ILE A 62 -15.98 9.66 15.57
CA ILE A 62 -15.28 8.90 14.53
C ILE A 62 -15.73 9.26 13.10
N GLY A 63 -14.80 9.11 12.16
CA GLY A 63 -15.06 9.42 10.78
C GLY A 63 -15.37 8.26 9.83
N ASP A 64 -15.37 8.57 8.53
CA ASP A 64 -15.87 7.67 7.49
C ASP A 64 -15.24 6.29 7.47
N ASP A 65 -13.92 6.22 7.72
CA ASP A 65 -13.20 4.95 7.63
C ASP A 65 -12.67 4.49 9.00
N GLU A 66 -13.10 5.15 10.06
CA GLU A 66 -12.64 4.81 11.41
C GLU A 66 -13.65 3.90 12.17
N VAL A 67 -13.25 3.43 13.34
CA VAL A 67 -14.06 2.49 14.08
C VAL A 67 -13.86 2.74 15.55
N LEU A 68 -14.85 2.34 16.35
CA LEU A 68 -14.75 2.52 17.80
C LEU A 68 -14.77 1.17 18.49
N VAL A 69 -13.83 0.98 19.41
CA VAL A 69 -13.70 -0.30 20.07
C VAL A 69 -13.95 -0.23 21.58
N TYR A 70 -14.76 -1.16 22.09
CA TYR A 70 -14.94 -1.35 23.53
C TYR A 70 -13.79 -2.22 23.97
N VAL A 71 -12.95 -1.67 24.84
CA VAL A 71 -11.66 -2.29 25.18
C VAL A 71 -11.76 -3.23 26.37
N MET A 72 -11.42 -4.50 26.15
CA MET A 72 -11.39 -5.48 27.23
C MET A 72 -10.07 -5.46 27.99
N ALA A 73 -8.97 -5.72 27.30
CA ALA A 73 -7.64 -5.59 27.88
C ALA A 73 -6.72 -4.77 26.97
N ALA A 74 -5.53 -4.42 27.46
CA ALA A 74 -4.55 -3.70 26.65
C ALA A 74 -3.13 -4.17 26.97
N GLY A 75 -2.16 -3.64 26.24
CA GLY A 75 -0.79 -4.00 26.43
C GLY A 75 0.04 -2.86 26.99
N VAL A 76 1.10 -3.22 27.70
CA VAL A 76 1.98 -2.25 28.28
C VAL A 76 3.25 -2.29 27.46
N ASN A 77 3.64 -1.13 26.94
CA ASN A 77 4.90 -1.02 26.24
C ASN A 77 5.62 0.24 26.69
N TYR A 78 6.92 0.27 26.42
CA TYR A 78 7.81 1.39 26.74
C TYR A 78 7.29 2.74 26.28
N ASN A 79 6.67 2.79 25.12
CA ASN A 79 6.29 4.08 24.58
C ASN A 79 5.28 4.85 25.45
N GLY A 80 4.49 4.11 26.23
CA GLY A 80 3.55 4.74 27.15
C GLY A 80 4.29 5.47 28.27
N VAL A 81 5.55 5.12 28.47
CA VAL A 81 6.37 5.76 29.49
C VAL A 81 7.00 7.03 28.94
N TRP A 82 7.50 6.95 27.71
CA TRP A 82 8.08 8.10 27.01
C TRP A 82 7.04 9.21 26.90
N ALA A 83 5.78 8.82 26.80
CA ALA A 83 4.66 9.75 26.71
C ALA A 83 4.42 10.44 28.03
N GLY A 84 4.20 9.66 29.08
CA GLY A 84 4.04 10.22 30.41
C GLY A 84 5.25 11.06 30.81
N LEU A 85 6.39 10.70 30.25
CA LEU A 85 7.63 11.39 30.58
C LEU A 85 7.75 12.72 29.86
N GLY A 86 7.26 12.74 28.62
CA GLY A 86 7.39 13.91 27.78
C GLY A 86 8.79 13.93 27.22
N GLU A 87 9.40 12.75 27.15
CA GLU A 87 10.70 12.59 26.54
C GLU A 87 10.84 11.22 25.93
N PRO A 88 11.64 11.11 24.85
CA PRO A 88 12.44 12.18 24.28
C PRO A 88 11.64 13.39 23.80
N ILE A 89 10.33 13.21 23.61
CA ILE A 89 9.47 14.33 23.25
C ILE A 89 8.12 14.22 23.92
N SER A 90 7.42 15.34 23.96
CA SER A 90 6.03 15.37 24.39
C SER A 90 5.19 15.17 23.15
N PRO A 91 4.08 14.43 23.27
CA PRO A 91 3.08 14.18 22.22
C PRO A 91 2.27 15.41 21.88
N PHE A 92 2.22 16.37 22.79
CA PHE A 92 1.52 17.63 22.58
C PHE A 92 2.28 18.55 21.62
N ASP A 93 3.54 18.20 21.37
CA ASP A 93 4.32 18.85 20.32
C ASP A 93 4.15 18.09 19.01
N VAL A 94 3.22 17.13 19.00
CA VAL A 94 2.93 16.32 17.81
C VAL A 94 1.48 16.47 17.39
N HIS A 95 0.57 16.45 18.37
CA HIS A 95 -0.83 16.70 18.07
C HIS A 95 -1.39 17.90 18.84
N LYS A 96 -2.50 18.43 18.38
CA LYS A 96 -3.00 19.68 18.92
C LYS A 96 -3.91 19.46 20.13
N GLY A 97 -3.78 18.32 20.79
CA GLY A 97 -4.75 17.93 21.80
C GLY A 97 -4.54 18.51 23.19
N GLU A 98 -5.62 18.62 23.97
CA GLU A 98 -5.50 19.18 25.31
C GLU A 98 -5.04 18.10 26.28
N TYR A 99 -5.49 16.88 26.04
CA TYR A 99 -5.12 15.70 26.82
C TYR A 99 -4.69 14.52 25.93
N HIS A 100 -4.19 13.44 26.53
CA HIS A 100 -3.68 12.30 25.75
C HIS A 100 -3.90 10.94 26.41
N ILE A 101 -4.56 10.03 25.70
CA ILE A 101 -4.78 8.67 26.17
C ILE A 101 -3.83 7.69 25.50
N ALA A 102 -2.94 7.11 26.29
CA ALA A 102 -1.89 6.25 25.75
C ALA A 102 -2.36 4.81 25.63
N GLY A 103 -1.46 3.94 25.18
CA GLY A 103 -1.75 2.53 24.99
C GLY A 103 -1.82 2.14 23.54
N SER A 104 -0.93 1.25 23.13
CA SER A 104 -0.76 0.93 21.71
C SER A 104 -1.05 -0.51 21.33
N ASP A 105 -1.60 -1.27 22.27
CA ASP A 105 -1.99 -2.67 22.05
C ASP A 105 -3.40 -2.84 22.61
N ALA A 106 -4.17 -3.79 22.06
CA ALA A 106 -5.55 -3.96 22.57
C ALA A 106 -6.35 -5.16 22.02
N SER A 107 -7.30 -5.63 22.83
CA SER A 107 -8.34 -6.58 22.41
C SER A 107 -9.73 -6.10 22.84
N GLY A 108 -10.76 -6.38 22.04
CA GLY A 108 -12.08 -5.88 22.38
C GLY A 108 -13.15 -6.10 21.32
N ILE A 109 -14.25 -5.38 21.42
CA ILE A 109 -15.36 -5.55 20.48
C ILE A 109 -15.56 -4.30 19.65
N VAL A 110 -15.94 -4.43 18.37
CA VAL A 110 -16.24 -3.22 17.62
C VAL A 110 -17.64 -2.78 18.03
N TRP A 111 -17.76 -1.50 18.36
CA TRP A 111 -19.01 -0.96 18.84
C TRP A 111 -19.71 -0.09 17.79
N LYS A 112 -18.92 0.70 17.05
CA LYS A 112 -19.48 1.58 16.03
C LYS A 112 -18.50 1.72 14.87
N VAL A 113 -19.02 1.68 13.64
CA VAL A 113 -18.17 1.85 12.46
C VAL A 113 -18.57 3.04 11.60
N GLY A 114 -17.59 3.64 10.92
CA GLY A 114 -17.82 4.72 9.99
C GLY A 114 -18.69 4.33 8.80
N ALA A 115 -19.13 5.35 8.07
CA ALA A 115 -20.05 5.15 6.95
C ALA A 115 -19.47 4.25 5.86
N LYS A 116 -18.15 4.31 5.66
CA LYS A 116 -17.50 3.58 4.58
C LYS A 116 -16.85 2.26 5.01
N VAL A 117 -17.18 1.78 6.20
CA VAL A 117 -16.57 0.55 6.71
C VAL A 117 -17.38 -0.69 6.36
N LYS A 118 -16.83 -1.52 5.49
CA LYS A 118 -17.50 -2.75 5.05
C LYS A 118 -16.87 -4.05 5.59
N ARG A 119 -15.54 -4.04 5.72
CA ARG A 119 -14.77 -5.21 6.13
C ARG A 119 -15.14 -5.73 7.53
N TRP A 120 -15.40 -4.80 8.45
CA TRP A 120 -15.65 -5.09 9.87
C TRP A 120 -17.05 -4.69 10.23
N LYS A 121 -17.67 -5.46 11.13
CA LYS A 121 -19.06 -5.22 11.57
C LYS A 121 -19.22 -5.23 13.08
N VAL A 122 -20.17 -4.43 13.57
CA VAL A 122 -20.37 -4.23 15.02
C VAL A 122 -20.58 -5.55 15.74
N GLY A 123 -19.82 -5.76 16.82
CA GLY A 123 -19.91 -7.00 17.58
C GLY A 123 -18.80 -7.98 17.27
N ASP A 124 -18.05 -7.70 16.20
CA ASP A 124 -16.85 -8.46 15.86
C ASP A 124 -15.77 -8.30 16.92
N GLU A 125 -15.09 -9.39 17.25
CA GLU A 125 -14.01 -9.41 18.27
C GLU A 125 -12.61 -9.25 17.65
N VAL A 126 -11.86 -8.26 18.11
CA VAL A 126 -10.67 -7.83 17.38
C VAL A 126 -9.48 -7.54 18.28
N ILE A 127 -8.27 -7.55 17.71
CA ILE A 127 -7.08 -6.97 18.35
C ILE A 127 -6.55 -5.87 17.44
N VAL A 128 -5.68 -5.01 17.96
CA VAL A 128 -5.32 -3.77 17.25
C VAL A 128 -3.84 -3.61 16.94
N HIS A 129 -3.57 -3.27 15.67
CA HIS A 129 -2.22 -2.93 15.24
C HIS A 129 -2.05 -1.42 15.30
N CYS A 130 -0.84 -0.98 15.66
CA CYS A 130 -0.62 0.42 16.04
C CYS A 130 -0.19 1.35 14.90
N ASN A 131 -0.05 0.83 13.69
CA ASN A 131 0.31 1.66 12.54
C ASN A 131 -0.86 2.36 11.84
N GLN A 132 -0.67 3.64 11.53
CA GLN A 132 -1.66 4.51 10.88
C GLN A 132 -1.00 5.34 9.80
N ASP A 133 -1.77 5.70 8.77
CA ASP A 133 -1.35 6.66 7.72
C ASP A 133 -2.56 7.36 7.11
N ASP A 134 -2.34 8.31 6.24
CA ASP A 134 -3.47 9.08 5.70
C ASP A 134 -4.13 8.34 4.54
N GLY A 135 -3.40 7.39 4.00
CA GLY A 135 -3.97 6.42 3.08
C GLY A 135 -3.92 6.77 1.61
N ASP A 136 -3.36 7.92 1.26
CA ASP A 136 -3.58 8.41 -0.09
C ASP A 136 -2.38 8.90 -0.90
N ASP A 137 -1.17 8.67 -0.43
CA ASP A 137 0.00 8.95 -1.25
C ASP A 137 0.59 7.71 -1.94
N GLU A 138 1.71 7.92 -2.63
CA GLU A 138 2.31 6.88 -3.44
C GLU A 138 2.65 5.67 -2.60
N GLU A 139 3.38 5.89 -1.51
CA GLU A 139 3.79 4.76 -0.67
C GLU A 139 2.63 3.94 -0.05
N CYS A 140 1.54 4.60 0.35
CA CYS A 140 0.38 3.87 0.88
C CYS A 140 -0.46 3.26 -0.22
N ASN A 141 -0.09 3.56 -1.45
CA ASN A 141 -0.80 3.00 -2.56
C ASN A 141 0.08 2.42 -3.67
N GLY A 142 0.97 1.49 -3.30
CA GLY A 142 1.80 0.86 -4.30
C GLY A 142 3.14 0.44 -3.76
N GLY A 143 3.67 1.23 -2.84
CA GLY A 143 4.93 0.92 -2.19
C GLY A 143 4.69 0.42 -0.78
N ASP A 144 5.62 0.75 0.12
CA ASP A 144 5.57 0.35 1.52
C ASP A 144 5.07 1.51 2.35
N PRO A 145 3.89 1.35 2.95
CA PRO A 145 3.22 2.45 3.65
C PRO A 145 4.01 2.99 4.84
N MET A 146 5.11 2.34 5.19
CA MET A 146 5.90 2.78 6.33
C MET A 146 6.85 3.90 5.93
N PHE A 147 6.92 4.11 4.64
CA PHE A 147 7.79 5.10 4.04
C PHE A 147 6.99 6.34 3.69
N SER A 148 5.73 6.38 4.13
CA SER A 148 4.96 7.59 3.98
C SER A 148 5.17 8.51 5.17
N PRO A 149 5.42 9.79 4.91
CA PRO A 149 5.55 10.83 5.94
C PRO A 149 4.29 10.87 6.81
N THR A 150 3.19 10.42 6.24
CA THR A 150 1.92 10.39 6.95
C THR A 150 1.87 9.31 8.03
N GLN A 151 2.78 8.33 7.99
CA GLN A 151 2.79 7.25 8.97
C GLN A 151 3.04 7.75 10.38
N ARG A 152 2.35 7.14 11.34
CA ARG A 152 2.48 7.45 12.76
C ARG A 152 1.97 6.30 13.65
N ILE A 153 2.39 6.29 14.91
CA ILE A 153 2.02 5.21 15.82
C ILE A 153 0.86 5.59 16.75
N TRP A 154 -0.23 4.81 16.70
CA TRP A 154 -1.45 5.09 17.45
C TRP A 154 -1.26 4.86 18.93
N GLY A 155 -1.60 5.86 19.75
CA GLY A 155 -1.46 5.80 21.19
C GLY A 155 -0.21 6.50 21.67
N TYR A 156 0.72 6.75 20.75
CA TYR A 156 1.92 7.51 21.06
C TYR A 156 1.86 8.90 20.38
N GLU A 157 1.89 8.91 19.06
CA GLU A 157 1.68 10.14 18.31
C GLU A 157 0.19 10.45 18.15
N THR A 158 -0.69 9.66 18.76
CA THR A 158 -2.10 10.03 18.91
C THR A 158 -2.57 9.72 20.33
N GLY A 159 -3.52 10.50 20.83
CA GLY A 159 -4.03 10.32 22.17
C GLY A 159 -5.39 9.65 22.24
N ASP A 160 -5.79 8.97 21.17
CA ASP A 160 -7.01 8.19 21.19
C ASP A 160 -6.64 6.74 21.42
N GLY A 161 -5.68 6.53 22.31
CA GLY A 161 -5.18 5.20 22.62
C GLY A 161 -6.11 4.30 23.42
N SER A 162 -5.56 3.20 23.92
CA SER A 162 -6.34 2.07 24.44
C SER A 162 -6.47 1.95 25.95
N PHE A 163 -5.97 2.94 26.68
CA PHE A 163 -6.06 2.89 28.13
C PHE A 163 -7.34 3.59 28.58
N ALA A 164 -8.47 3.12 28.04
CA ALA A 164 -9.77 3.75 28.25
C ALA A 164 -10.90 2.80 27.85
N GLN A 165 -12.12 3.06 28.29
CA GLN A 165 -13.20 2.14 27.97
C GLN A 165 -13.37 2.04 26.46
N PHE A 166 -13.05 3.12 25.76
CA PHE A 166 -13.11 3.13 24.30
C PHE A 166 -11.89 3.82 23.69
N CYS A 167 -11.46 3.31 22.53
CA CYS A 167 -10.41 3.95 21.78
C CYS A 167 -10.88 4.09 20.36
N ARG A 168 -10.20 4.94 19.60
CA ARG A 168 -10.54 5.17 18.21
C ARG A 168 -9.42 4.73 17.29
N VAL A 169 -9.76 3.95 16.27
CA VAL A 169 -8.77 3.40 15.36
C VAL A 169 -9.23 3.43 13.91
N GLN A 170 -8.29 3.37 12.98
CA GLN A 170 -8.64 3.24 11.58
C GLN A 170 -9.00 1.78 11.30
N SER A 171 -9.91 1.57 10.36
CA SER A 171 -10.23 0.23 9.89
C SER A 171 -8.96 -0.57 9.57
N ARG A 172 -7.95 0.09 9.03
CA ARG A 172 -6.74 -0.57 8.55
C ARG A 172 -5.77 -1.01 9.67
N GLN A 173 -6.25 -0.83 10.92
CA GLN A 173 -5.53 -1.25 12.13
C GLN A 173 -6.07 -2.56 12.72
N LEU A 174 -7.22 -3.01 12.22
CA LEU A 174 -7.91 -4.15 12.81
C LEU A 174 -7.54 -5.51 12.25
N MET A 175 -7.35 -6.46 13.16
CA MET A 175 -7.10 -7.86 12.84
C MET A 175 -8.04 -8.74 13.69
N ALA A 176 -8.36 -9.93 13.19
CA ALA A 176 -9.20 -10.84 13.94
C ALA A 176 -8.50 -11.41 15.18
N ARG A 177 -9.24 -11.45 16.29
CA ARG A 177 -8.80 -12.03 17.57
C ARG A 177 -8.86 -13.58 17.63
N PRO A 178 -7.78 -14.20 18.13
CA PRO A 178 -7.68 -15.65 18.39
C PRO A 178 -8.61 -16.09 19.51
N LYS A 179 -9.61 -16.91 19.19
CA LYS A 179 -10.61 -17.23 20.19
C LYS A 179 -10.04 -18.02 21.37
N HIS A 180 -8.86 -18.60 21.16
CA HIS A 180 -8.29 -19.55 22.11
C HIS A 180 -7.49 -18.87 23.23
N LEU A 181 -7.47 -17.54 23.22
CA LEU A 181 -6.70 -16.78 24.19
C LEU A 181 -7.60 -16.02 25.16
N THR A 182 -7.03 -15.60 26.29
CA THR A 182 -7.74 -14.72 27.19
C THR A 182 -7.70 -13.33 26.63
N TRP A 183 -8.50 -12.44 27.18
CA TRP A 183 -8.52 -11.08 26.68
C TRP A 183 -7.14 -10.44 26.76
N GLU A 184 -6.47 -10.68 27.87
CA GLU A 184 -5.17 -10.08 28.13
C GLU A 184 -4.07 -10.66 27.22
N GLU A 185 -4.07 -11.98 27.02
CA GLU A 185 -3.16 -12.60 26.07
C GLU A 185 -3.35 -12.03 24.66
N ALA A 186 -4.59 -11.92 24.22
CA ALA A 186 -4.88 -11.39 22.91
C ALA A 186 -4.34 -9.98 22.74
N ALA A 187 -4.03 -9.31 23.85
CA ALA A 187 -3.75 -7.89 23.78
C ALA A 187 -2.31 -7.48 24.08
N CYS A 188 -1.42 -8.45 24.23
CA CYS A 188 -0.09 -8.12 24.74
C CYS A 188 1.01 -8.08 23.68
N TYR A 189 0.75 -8.76 22.56
CA TYR A 189 1.83 -9.17 21.68
C TYR A 189 1.96 -8.45 20.33
N THR A 190 0.85 -8.00 19.77
CA THR A 190 0.84 -7.47 18.43
C THR A 190 1.93 -6.43 18.12
N LEU A 191 2.11 -5.45 18.99
CA LEU A 191 3.07 -4.41 18.68
C LEU A 191 4.46 -4.99 18.61
N THR A 192 4.80 -5.84 19.56
CA THR A 192 6.14 -6.38 19.70
C THR A 192 6.38 -7.51 18.70
N LEU A 193 5.36 -8.30 18.42
CA LEU A 193 5.44 -9.42 17.49
C LEU A 193 5.60 -8.94 16.07
N ALA A 194 4.69 -8.07 15.66
CA ALA A 194 4.75 -7.49 14.33
C ALA A 194 6.10 -6.85 14.04
N THR A 195 6.63 -6.09 15.00
CA THR A 195 7.93 -5.42 14.84
C THR A 195 9.03 -6.41 14.48
N ALA A 196 9.05 -7.53 15.20
CA ALA A 196 10.08 -8.54 15.02
C ALA A 196 9.88 -9.26 13.72
N TYR A 197 8.63 -9.32 13.28
CA TYR A 197 8.29 -9.97 12.04
C TYR A 197 8.81 -9.11 10.87
N ARG A 198 8.61 -7.81 10.92
CA ARG A 198 9.20 -6.96 9.88
C ARG A 198 10.71 -7.14 9.78
N MET A 199 11.41 -7.17 10.90
CA MET A 199 12.84 -7.33 10.90
C MET A 199 13.30 -8.55 10.10
N LEU A 200 12.60 -9.66 10.26
CA LEU A 200 13.05 -10.97 9.73
C LEU A 200 12.41 -11.38 8.40
N PHE A 201 11.36 -10.69 7.96
CA PHE A 201 10.66 -11.08 6.75
C PHE A 201 10.32 -9.89 5.86
N GLY A 202 10.70 -8.72 6.29
CA GLY A 202 10.28 -7.50 5.63
C GLY A 202 11.37 -6.74 4.92
N HIS A 203 12.54 -7.34 4.82
CA HIS A 203 13.64 -6.72 4.10
C HIS A 203 14.31 -7.65 3.09
N ALA A 204 13.58 -8.01 2.03
CA ALA A 204 14.17 -8.73 0.90
C ALA A 204 15.47 -8.07 0.48
N PRO A 205 16.43 -8.90 0.04
CA PRO A 205 16.25 -10.35 -0.03
C PRO A 205 16.75 -11.08 1.22
N HIS A 206 17.10 -10.31 2.25
CA HIS A 206 17.62 -10.85 3.52
C HIS A 206 16.49 -11.22 4.47
N THR A 207 15.73 -12.25 4.11
CA THR A 207 14.68 -12.77 4.97
C THR A 207 15.07 -14.14 5.48
N VAL A 208 14.31 -14.64 6.45
CA VAL A 208 14.60 -15.92 7.06
C VAL A 208 14.14 -17.07 6.17
N ARG A 209 14.95 -18.12 6.13
CA ARG A 209 14.63 -19.32 5.36
C ARG A 209 14.97 -20.58 6.15
N PRO A 210 14.29 -21.69 5.83
CA PRO A 210 14.62 -22.93 6.52
C PRO A 210 16.10 -23.22 6.42
N GLY A 211 16.78 -23.24 7.55
CA GLY A 211 18.16 -23.67 7.57
C GLY A 211 19.05 -22.66 8.22
N GLN A 212 18.68 -21.39 8.08
CA GLN A 212 19.57 -20.29 8.46
C GLN A 212 19.79 -20.18 9.96
N ASN A 213 20.88 -19.54 10.32
CA ASN A 213 21.21 -19.31 11.71
C ASN A 213 21.15 -17.83 12.06
N VAL A 214 20.41 -17.50 13.09
CA VAL A 214 20.10 -16.12 13.41
C VAL A 214 20.46 -15.74 14.84
N LEU A 215 21.40 -14.83 14.99
CA LEU A 215 21.76 -14.37 16.32
C LEU A 215 20.67 -13.46 16.90
N ILE A 216 20.05 -13.89 18.00
CA ILE A 216 19.01 -13.10 18.67
C ILE A 216 19.50 -12.47 19.97
N TRP A 217 19.73 -11.15 19.95
CA TRP A 217 20.10 -10.41 21.15
C TRP A 217 18.95 -10.30 22.13
N GLY A 218 19.26 -10.33 23.43
CA GLY A 218 18.26 -10.25 24.47
C GLY A 218 17.08 -11.15 24.21
N ALA A 219 17.32 -12.45 24.31
CA ALA A 219 16.32 -13.46 23.95
C ALA A 219 15.10 -13.52 24.87
N SER A 220 15.25 -13.09 26.13
CA SER A 220 14.13 -13.07 27.08
C SER A 220 13.24 -11.82 26.96
N GLY A 221 13.74 -10.79 26.30
CA GLY A 221 12.99 -9.55 26.09
C GLY A 221 11.68 -9.76 25.33
N GLY A 222 10.83 -8.74 25.33
CA GLY A 222 9.59 -8.81 24.60
C GLY A 222 9.87 -9.01 23.13
N LEU A 223 10.98 -8.47 22.67
CA LEU A 223 11.36 -8.62 21.29
C LEU A 223 12.06 -9.97 21.12
N GLY A 224 12.98 -10.27 22.03
CA GLY A 224 13.74 -11.51 21.98
C GLY A 224 12.93 -12.79 21.80
N VAL A 225 11.93 -12.98 22.66
CA VAL A 225 11.12 -14.20 22.67
C VAL A 225 10.47 -14.43 21.30
N PHE A 226 10.17 -13.35 20.59
CA PHE A 226 9.50 -13.46 19.30
C PHE A 226 10.44 -13.70 18.12
N GLY A 227 11.69 -13.30 18.26
CA GLY A 227 12.69 -13.67 17.27
C GLY A 227 12.89 -15.17 17.34
N VAL A 228 13.23 -15.64 18.54
CA VAL A 228 13.37 -17.06 18.80
C VAL A 228 12.21 -17.92 18.27
N GLN A 229 10.98 -17.62 18.66
CA GLN A 229 9.83 -18.40 18.21
C GLN A 229 9.68 -18.39 16.68
N LEU A 230 9.68 -17.20 16.07
CA LEU A 230 9.54 -17.06 14.62
C LEU A 230 10.59 -17.85 13.83
N CYS A 231 11.83 -17.85 14.32
CA CYS A 231 12.88 -18.62 13.67
C CYS A 231 12.45 -20.09 13.65
N ALA A 232 12.42 -20.68 14.84
CA ALA A 232 11.99 -22.05 15.05
C ALA A 232 10.74 -22.40 14.23
N ALA A 233 9.72 -21.56 14.31
CA ALA A 233 8.46 -21.84 13.62
C ALA A 233 8.57 -21.84 12.10
N SER A 234 9.76 -21.51 11.59
CA SER A 234 9.95 -21.35 10.15
C SER A 234 11.01 -22.28 9.59
N GLY A 235 11.77 -22.90 10.48
CA GLY A 235 12.81 -23.84 10.09
C GLY A 235 14.19 -23.37 10.50
N ALA A 236 14.29 -22.11 10.88
CA ALA A 236 15.59 -21.55 11.22
C ALA A 236 16.02 -21.89 12.63
N ASN A 237 17.21 -21.41 12.99
CA ASN A 237 17.85 -21.84 14.23
C ASN A 237 18.30 -20.67 15.10
N ALA A 238 17.42 -20.19 15.96
CA ALA A 238 17.74 -19.02 16.76
C ALA A 238 18.87 -19.31 17.73
N ILE A 239 19.79 -18.35 17.87
CA ILE A 239 20.93 -18.51 18.77
C ILE A 239 20.80 -17.47 19.89
N ALA A 240 20.20 -17.84 21.01
CA ALA A 240 19.81 -16.80 21.97
C ALA A 240 20.97 -16.18 22.73
N VAL A 241 20.78 -14.95 23.20
CA VAL A 241 21.76 -14.32 24.08
C VAL A 241 21.09 -13.75 25.32
N ILE A 242 21.68 -14.03 26.48
CA ILE A 242 21.07 -13.68 27.76
C ILE A 242 22.09 -13.13 28.76
N SER A 243 21.62 -12.80 29.96
CA SER A 243 22.50 -12.25 31.01
C SER A 243 22.16 -12.85 32.38
N ASP A 244 21.45 -13.96 32.38
CA ASP A 244 21.10 -14.67 33.61
C ASP A 244 20.92 -16.12 33.24
N GLU A 245 21.56 -17.04 33.97
CA GLU A 245 21.53 -18.45 33.59
C GLU A 245 20.23 -19.15 33.98
N SER A 246 19.45 -18.51 34.85
CA SER A 246 18.12 -19.00 35.20
C SER A 246 17.20 -18.83 34.00
N LYS A 247 17.54 -17.88 33.13
CA LYS A 247 16.79 -17.61 31.91
C LYS A 247 17.03 -18.68 30.82
N ARG A 248 18.05 -19.52 31.00
CA ARG A 248 18.44 -20.50 29.98
C ARG A 248 17.34 -21.52 29.58
N ASP A 249 16.73 -22.16 30.58
CA ASP A 249 15.63 -23.11 30.35
C ASP A 249 14.48 -22.47 29.58
N TYR A 250 14.11 -21.26 29.99
CA TYR A 250 13.03 -20.50 29.38
C TYR A 250 13.15 -20.48 27.88
N VAL A 251 14.20 -19.79 27.40
CA VAL A 251 14.38 -19.49 25.98
C VAL A 251 14.54 -20.77 25.17
N MET A 252 15.05 -21.79 25.84
CA MET A 252 15.33 -23.04 25.16
C MET A 252 14.07 -23.89 24.94
N SER A 253 13.06 -23.69 25.78
CA SER A 253 11.76 -24.36 25.63
C SER A 253 10.94 -23.68 24.54
N LEU A 254 11.46 -22.57 24.02
CA LEU A 254 10.77 -21.75 23.03
C LEU A 254 11.05 -22.22 21.60
N GLY A 255 12.20 -22.86 21.42
CA GLY A 255 12.59 -23.40 20.13
C GLY A 255 14.06 -23.12 19.87
N ALA A 256 14.66 -22.39 20.80
CA ALA A 256 16.04 -21.95 20.65
C ALA A 256 16.88 -23.17 20.33
N LYS A 257 17.91 -22.96 19.53
CA LYS A 257 18.85 -24.04 19.27
C LYS A 257 20.23 -23.72 19.83
N GLY A 258 20.27 -23.20 21.04
CA GLY A 258 21.54 -22.83 21.66
C GLY A 258 21.39 -21.55 22.44
N VAL A 259 22.33 -21.30 23.33
CA VAL A 259 22.30 -20.11 24.17
C VAL A 259 23.73 -19.65 24.45
N ILE A 260 23.87 -18.39 24.82
CA ILE A 260 25.16 -17.80 25.10
C ILE A 260 24.95 -16.70 26.10
N ASN A 261 25.98 -16.37 26.86
CA ASN A 261 25.83 -15.36 27.89
C ASN A 261 26.87 -14.25 27.76
N ARG A 262 26.40 -13.04 27.52
CA ARG A 262 27.28 -11.91 27.22
C ARG A 262 28.21 -11.51 28.36
N LYS A 263 27.86 -11.89 29.60
CA LYS A 263 28.62 -11.47 30.79
C LYS A 263 30.04 -12.06 30.85
N ASP A 264 30.27 -13.09 30.06
CA ASP A 264 31.55 -13.79 30.05
C ASP A 264 32.65 -13.01 29.34
N PHE A 265 32.26 -12.02 28.55
CA PHE A 265 33.22 -11.34 27.70
C PHE A 265 33.36 -9.85 28.05
N ASP A 266 34.23 -9.14 27.33
CA ASP A 266 34.45 -7.73 27.58
C ASP A 266 34.36 -6.88 26.31
N CYS A 267 34.22 -7.56 25.18
CA CYS A 267 34.18 -6.92 23.87
C CYS A 267 33.05 -5.90 23.75
N TRP A 268 32.59 -5.38 24.88
CA TRP A 268 31.49 -4.43 24.90
C TRP A 268 31.99 -3.00 24.94
N GLY A 269 31.22 -2.10 24.33
CA GLY A 269 31.58 -0.70 24.24
C GLY A 269 31.83 -0.28 22.81
N GLN A 270 32.01 1.03 22.60
CA GLN A 270 32.22 1.55 21.27
C GLN A 270 33.40 0.85 20.59
N LEU A 271 33.67 1.23 19.35
CA LEU A 271 34.80 0.68 18.58
C LEU A 271 36.12 1.40 18.90
N PRO A 272 37.04 0.72 19.59
CA PRO A 272 38.37 1.27 19.85
C PRO A 272 39.01 1.79 18.58
N THR A 273 39.47 3.04 18.61
CA THR A 273 40.14 3.61 17.46
C THR A 273 41.12 2.57 16.88
N VAL A 274 41.21 2.53 15.56
CA VAL A 274 41.83 1.40 14.86
C VAL A 274 43.36 1.34 14.96
N ASN A 275 43.88 0.11 14.95
CA ASN A 275 45.31 -0.16 14.96
C ASN A 275 45.93 0.01 16.33
N SER A 276 45.09 0.41 17.27
CA SER A 276 45.47 0.54 18.67
C SER A 276 45.36 -0.82 19.35
N PRO A 277 46.26 -1.11 20.30
CA PRO A 277 46.25 -2.39 21.03
C PRO A 277 44.86 -2.79 21.56
N GLU A 278 44.13 -1.83 22.13
CA GLU A 278 42.75 -2.06 22.55
C GLU A 278 41.91 -2.65 21.41
N TYR A 279 42.11 -2.12 20.21
CA TYR A 279 41.45 -2.66 19.04
C TYR A 279 41.90 -4.10 18.76
N ASN A 280 43.12 -4.43 19.16
CA ASN A 280 43.66 -5.77 18.97
C ASN A 280 43.22 -6.73 20.09
N THR A 281 43.04 -6.17 21.29
CA THR A 281 42.59 -6.96 22.43
C THR A 281 41.08 -7.13 22.33
N TRP A 282 40.44 -6.13 21.72
CA TRP A 282 39.01 -6.18 21.44
C TRP A 282 38.68 -7.35 20.52
N LEU A 283 39.30 -7.35 19.33
CA LEU A 283 39.08 -8.41 18.34
C LEU A 283 39.35 -9.79 18.94
N LYS A 284 40.17 -9.82 19.98
CA LYS A 284 40.59 -11.09 20.57
C LYS A 284 39.43 -11.79 21.24
N GLU A 285 38.71 -11.06 22.08
CA GLU A 285 37.60 -11.66 22.83
C GLU A 285 36.41 -11.85 21.93
N ALA A 286 36.12 -10.83 21.13
CA ALA A 286 35.01 -10.91 20.21
C ALA A 286 35.11 -12.20 19.39
N ARG A 287 36.32 -12.56 18.96
CA ARG A 287 36.50 -13.82 18.24
C ARG A 287 36.07 -15.00 19.15
N LYS A 288 36.37 -14.93 20.44
CA LYS A 288 35.93 -15.96 21.38
C LYS A 288 34.42 -16.10 21.28
N PHE A 289 33.75 -14.96 21.32
CA PHE A 289 32.31 -14.84 21.11
C PHE A 289 31.85 -15.52 19.81
N GLY A 290 32.66 -15.36 18.75
CA GLY A 290 32.38 -15.99 17.47
C GLY A 290 32.38 -17.51 17.51
N LYS A 291 33.44 -18.11 18.05
CA LYS A 291 33.50 -19.57 18.20
C LYS A 291 32.30 -20.06 19.03
N ALA A 292 31.98 -19.30 20.07
CA ALA A 292 30.84 -19.63 20.91
C ALA A 292 29.64 -20.01 20.02
N ILE A 293 29.50 -19.32 18.89
CA ILE A 293 28.48 -19.67 17.90
C ILE A 293 28.76 -20.99 17.19
N TRP A 294 29.89 -21.07 16.51
CA TRP A 294 30.27 -22.29 15.83
C TRP A 294 30.15 -23.51 16.69
N ASP A 295 30.42 -23.36 17.99
CA ASP A 295 30.24 -24.48 18.92
C ASP A 295 28.80 -24.96 18.85
N ILE A 296 27.88 -24.04 18.57
CA ILE A 296 26.47 -24.36 18.35
C ILE A 296 26.15 -24.64 16.88
N THR A 297 26.75 -23.85 15.98
CA THR A 297 26.34 -23.84 14.57
C THR A 297 27.16 -24.76 13.70
N GLY A 298 28.27 -25.24 14.24
CA GLY A 298 29.24 -25.94 13.42
C GLY A 298 30.23 -24.89 13.03
N LYS A 299 31.39 -25.31 12.56
CA LYS A 299 32.47 -24.38 12.29
C LYS A 299 32.48 -23.95 10.82
N GLY A 300 32.77 -22.67 10.60
CA GLY A 300 32.73 -22.07 9.28
C GLY A 300 31.33 -21.56 9.00
N ASN A 301 30.51 -21.58 10.03
CA ASN A 301 29.09 -21.31 9.88
C ASN A 301 28.67 -20.06 10.61
N ASP A 302 28.82 -18.92 9.93
CA ASP A 302 28.46 -17.63 10.52
C ASP A 302 26.96 -17.38 10.36
N VAL A 303 26.37 -16.64 11.29
CA VAL A 303 24.92 -16.37 11.23
C VAL A 303 24.47 -15.58 9.98
N ASP A 304 23.36 -16.00 9.40
CA ASP A 304 22.79 -15.31 8.26
C ASP A 304 22.24 -13.91 8.60
N ILE A 305 21.78 -13.73 9.83
CA ILE A 305 21.12 -12.51 10.27
C ILE A 305 21.37 -12.20 11.75
N VAL A 306 21.90 -11.02 12.06
CA VAL A 306 21.97 -10.56 13.45
C VAL A 306 20.74 -9.73 13.71
N PHE A 307 20.12 -9.97 14.86
CA PHE A 307 18.82 -9.40 15.19
C PHE A 307 19.05 -8.46 16.36
N GLU A 308 19.33 -7.19 16.02
CA GLU A 308 19.87 -6.21 16.96
C GLU A 308 18.82 -5.30 17.59
N HIS A 309 19.21 -4.66 18.69
CA HIS A 309 18.38 -3.61 19.32
C HIS A 309 19.07 -2.89 20.51
N PRO A 310 20.02 -3.57 21.20
CA PRO A 310 20.80 -2.88 22.24
C PRO A 310 21.70 -1.76 21.69
N GLY A 311 22.30 -1.95 20.51
CA GLY A 311 22.92 -0.85 19.81
C GLY A 311 24.35 -0.54 20.18
N GLU A 312 24.58 0.69 20.64
CA GLU A 312 25.93 1.23 20.82
C GLU A 312 26.96 0.26 21.38
N ALA A 313 26.55 -0.51 22.38
CA ALA A 313 27.47 -1.38 23.13
C ALA A 313 27.87 -2.68 22.45
N THR A 314 27.12 -3.09 21.44
CA THR A 314 27.31 -4.40 20.84
C THR A 314 27.53 -4.35 19.32
N PHE A 315 27.07 -3.28 18.72
CA PHE A 315 27.09 -3.18 17.28
C PHE A 315 28.43 -3.55 16.68
N PRO A 316 29.51 -2.94 17.21
CA PRO A 316 30.88 -3.28 16.79
C PRO A 316 31.05 -4.78 16.65
N VAL A 317 30.51 -5.51 17.61
CA VAL A 317 30.60 -6.96 17.60
C VAL A 317 29.62 -7.60 16.60
N SER A 318 28.36 -7.16 16.61
CA SER A 318 27.37 -7.73 15.70
C SER A 318 27.80 -7.64 14.25
N THR A 319 28.40 -6.53 13.85
CA THR A 319 28.91 -6.36 12.49
C THR A 319 30.07 -7.30 12.11
N LEU A 320 30.69 -7.91 13.11
CA LEU A 320 31.82 -8.79 12.89
C LEU A 320 31.38 -10.22 12.63
N VAL A 321 30.37 -10.65 13.37
CA VAL A 321 30.00 -12.06 13.39
C VAL A 321 29.11 -12.50 12.23
N ALA A 322 28.49 -11.53 11.57
CA ALA A 322 27.55 -11.84 10.51
C ALA A 322 28.27 -12.32 9.25
N LYS A 323 27.71 -13.32 8.59
CA LYS A 323 28.32 -13.90 7.38
C LYS A 323 28.47 -12.88 6.26
N ARG A 324 29.35 -13.19 5.31
CA ARG A 324 29.37 -12.38 4.12
C ARG A 324 28.01 -12.52 3.45
N GLY A 325 27.48 -11.40 2.99
CA GLY A 325 26.15 -11.36 2.41
C GLY A 325 25.02 -11.33 3.42
N GLY A 326 25.35 -11.15 4.70
CA GLY A 326 24.37 -11.18 5.77
C GLY A 326 23.89 -9.80 6.17
N MET A 327 22.79 -9.75 6.89
CA MET A 327 22.20 -8.48 7.32
C MET A 327 22.19 -8.34 8.83
N ILE A 328 22.43 -7.12 9.30
CA ILE A 328 22.26 -6.81 10.71
C ILE A 328 21.16 -5.78 10.81
N VAL A 329 19.97 -6.22 11.18
CA VAL A 329 18.78 -5.38 11.27
C VAL A 329 18.51 -5.00 12.74
N PHE A 330 17.85 -3.86 12.97
CA PHE A 330 17.63 -3.34 14.32
C PHE A 330 16.61 -2.20 14.42
N CYS A 331 15.95 -2.08 15.58
CA CYS A 331 14.87 -1.09 15.75
C CYS A 331 15.03 -0.22 16.99
N ALA A 332 16.23 -0.18 17.54
CA ALA A 332 16.41 0.51 18.80
C ALA A 332 17.88 0.63 19.11
N GLY A 333 18.18 1.28 20.23
CA GLY A 333 19.54 1.43 20.67
C GLY A 333 19.58 1.55 22.19
N THR A 334 18.85 0.66 22.85
CA THR A 334 18.64 0.75 24.29
C THR A 334 19.88 1.11 25.13
N THR A 335 21.08 1.03 24.55
CA THR A 335 22.31 1.37 25.29
C THR A 335 23.17 2.44 24.61
N GLY A 336 22.54 3.40 23.96
CA GLY A 336 23.30 4.46 23.30
C GLY A 336 23.06 4.50 21.80
N PHE A 337 23.38 5.63 21.18
CA PHE A 337 23.11 5.83 19.76
C PHE A 337 24.37 6.13 18.94
N ASN A 338 25.48 6.40 19.62
CA ASN A 338 26.74 6.53 18.93
C ASN A 338 27.17 5.14 18.45
N ILE A 339 26.62 4.77 17.31
CA ILE A 339 26.91 3.50 16.69
C ILE A 339 28.31 3.56 16.13
N THR A 340 28.94 2.41 16.08
CA THR A 340 30.31 2.37 15.62
C THR A 340 30.63 1.04 15.00
N PHE A 341 31.45 1.05 13.96
CA PHE A 341 31.91 -0.19 13.35
C PHE A 341 33.08 0.01 12.38
N ASP A 342 33.73 -1.09 12.07
CA ASP A 342 34.91 -1.07 11.23
C ASP A 342 34.51 -1.18 9.75
N ALA A 343 34.56 -0.07 9.02
CA ALA A 343 34.16 -0.09 7.60
C ALA A 343 34.70 -1.32 6.87
N ARG A 344 35.93 -1.69 7.16
CA ARG A 344 36.58 -2.81 6.48
C ARG A 344 35.75 -4.09 6.43
N TYR A 345 35.10 -4.41 7.54
CA TYR A 345 34.40 -5.70 7.65
C TYR A 345 33.13 -5.77 6.81
N VAL A 346 32.38 -4.68 6.80
CA VAL A 346 31.10 -4.70 6.11
C VAL A 346 31.23 -4.49 4.59
N TRP A 347 32.28 -3.82 4.16
CA TRP A 347 32.41 -3.62 2.72
C TRP A 347 33.07 -4.79 2.03
N MET A 348 34.01 -5.47 2.69
CA MET A 348 34.70 -6.54 2.00
C MET A 348 33.85 -7.76 1.93
N ARG A 349 33.06 -7.94 2.97
CA ARG A 349 32.18 -9.09 3.06
C ARG A 349 30.76 -8.68 2.67
N GLN A 350 30.62 -7.43 2.23
CA GLN A 350 29.37 -6.89 1.68
C GLN A 350 28.12 -7.21 2.53
N LYS A 351 28.15 -6.70 3.76
CA LYS A 351 27.11 -6.98 4.73
C LYS A 351 26.15 -5.82 4.77
N ARG A 352 24.86 -6.08 5.00
CA ARG A 352 23.81 -5.06 5.02
C ARG A 352 23.46 -4.66 6.45
N ILE A 353 23.38 -3.37 6.68
CA ILE A 353 23.03 -2.86 8.00
C ILE A 353 21.74 -2.12 7.85
N GLN A 354 20.66 -2.74 8.31
CA GLN A 354 19.32 -2.32 7.94
C GLN A 354 18.54 -1.87 9.14
N GLY A 355 18.12 -0.62 9.14
CA GLY A 355 17.25 -0.08 10.17
C GLY A 355 15.83 -0.54 9.89
N SER A 356 15.06 -0.70 10.95
CA SER A 356 13.68 -1.16 10.84
C SER A 356 12.87 -0.52 11.97
N HIS A 357 11.55 -0.47 11.80
CA HIS A 357 10.69 0.34 12.64
C HIS A 357 9.26 -0.24 12.52
N PHE A 358 8.72 -0.72 13.64
CA PHE A 358 7.45 -1.44 13.64
C PHE A 358 7.20 -2.28 12.40
N ALA A 359 6.01 -2.11 11.84
CA ALA A 359 5.52 -2.96 10.75
C ALA A 359 4.18 -2.44 10.20
N HIS A 360 3.76 -2.93 9.04
CA HIS A 360 2.49 -2.49 8.48
C HIS A 360 1.48 -3.61 8.56
N LEU A 361 0.21 -3.29 8.32
CA LEU A 361 -0.87 -4.27 8.41
C LEU A 361 -0.57 -5.63 7.80
N LYS A 362 -0.09 -5.69 6.57
CA LYS A 362 0.07 -7.00 5.96
C LYS A 362 1.15 -7.78 6.72
N GLN A 363 2.11 -7.06 7.28
CA GLN A 363 3.13 -7.69 8.11
C GLN A 363 2.55 -8.11 9.48
N ALA A 364 1.98 -7.19 10.24
CA ALA A 364 1.39 -7.56 11.54
C ALA A 364 0.45 -8.74 11.44
N SER A 365 -0.27 -8.84 10.33
CA SER A 365 -1.28 -9.88 10.14
C SER A 365 -0.72 -11.21 9.62
N ALA A 366 0.43 -11.18 8.97
CA ALA A 366 1.11 -12.43 8.70
C ALA A 366 1.58 -12.99 10.04
N ALA A 367 2.06 -12.12 10.91
CA ALA A 367 2.52 -12.52 12.23
C ALA A 367 1.33 -13.07 13.00
N ASN A 368 0.26 -12.30 13.07
CA ASN A 368 -0.94 -12.76 13.76
C ASN A 368 -1.36 -14.18 13.38
N GLN A 369 -0.94 -14.65 12.21
CA GLN A 369 -1.39 -15.96 11.75
C GLN A 369 -0.67 -17.08 12.48
N PHE A 370 0.61 -16.89 12.72
CA PHE A 370 1.41 -17.79 13.52
C PHE A 370 0.77 -18.05 14.90
N VAL A 371 0.17 -17.01 15.48
CA VAL A 371 -0.44 -17.14 16.78
C VAL A 371 -1.81 -17.80 16.70
N MET A 372 -2.49 -17.59 15.57
CA MET A 372 -3.82 -18.12 15.37
C MET A 372 -3.74 -19.64 15.14
N ASP A 373 -2.64 -20.07 14.51
CA ASP A 373 -2.41 -21.50 14.26
C ASP A 373 -1.77 -22.17 15.47
N ARG A 374 -1.57 -21.38 16.52
CA ARG A 374 -0.90 -21.87 17.75
C ARG A 374 0.56 -22.27 17.51
N ARG A 375 1.22 -21.61 16.57
CA ARG A 375 2.61 -21.92 16.23
C ARG A 375 3.54 -20.99 16.98
N VAL A 376 2.95 -19.92 17.52
CA VAL A 376 3.64 -18.92 18.33
C VAL A 376 2.74 -18.59 19.51
N ASP A 377 3.35 -18.20 20.63
CA ASP A 377 2.60 -17.98 21.84
C ASP A 377 2.92 -16.59 22.41
N PRO A 378 1.88 -15.81 22.74
CA PRO A 378 2.09 -14.43 23.19
C PRO A 378 3.16 -14.25 24.26
N CYS A 379 3.44 -15.26 25.08
CA CYS A 379 4.38 -15.13 26.20
C CYS A 379 4.05 -14.00 27.18
N MET A 380 2.83 -13.95 27.67
CA MET A 380 2.43 -12.88 28.56
C MET A 380 3.19 -12.98 29.88
N SER A 381 4.02 -11.98 30.19
CA SER A 381 4.78 -11.97 31.44
C SER A 381 3.86 -11.92 32.67
N GLU A 382 3.07 -10.88 32.79
CA GLU A 382 2.07 -10.79 33.86
C GLU A 382 0.98 -9.76 33.53
N VAL A 383 -0.08 -9.73 34.32
CA VAL A 383 -1.19 -8.82 34.04
C VAL A 383 -1.62 -8.00 35.28
N PHE A 384 -1.68 -6.69 35.14
CA PHE A 384 -2.12 -5.80 36.21
C PHE A 384 -3.56 -5.38 35.98
N PRO A 385 -4.24 -4.94 37.05
CA PRO A 385 -5.63 -4.50 36.87
C PRO A 385 -5.75 -3.02 36.51
N TRP A 386 -6.95 -2.61 36.15
CA TRP A 386 -7.19 -1.25 35.74
C TRP A 386 -6.55 -0.19 36.66
N ASP A 387 -6.51 -0.42 37.96
CA ASP A 387 -6.01 0.63 38.85
C ASP A 387 -4.51 0.59 39.05
N LYS A 388 -3.83 -0.26 38.28
CA LYS A 388 -2.40 -0.43 38.48
C LYS A 388 -1.66 -0.06 37.22
N ILE A 389 -2.39 0.47 36.25
CA ILE A 389 -1.81 0.73 34.96
C ILE A 389 -0.54 1.59 35.05
N PRO A 390 -0.59 2.71 35.79
CA PRO A 390 0.62 3.54 35.91
C PRO A 390 1.74 2.79 36.63
N ALA A 391 1.36 1.99 37.63
CA ALA A 391 2.29 1.11 38.33
C ALA A 391 2.92 0.11 37.39
N ALA A 392 2.12 -0.48 36.51
CA ALA A 392 2.62 -1.41 35.51
C ALA A 392 3.72 -0.76 34.68
N HIS A 393 3.51 0.50 34.31
CA HIS A 393 4.48 1.24 33.52
C HIS A 393 5.75 1.56 34.31
N THR A 394 5.57 2.00 35.55
CA THR A 394 6.72 2.26 36.42
C THR A 394 7.63 1.03 36.51
N LYS A 395 7.02 -0.16 36.45
CA LYS A 395 7.79 -1.39 36.59
C LYS A 395 8.74 -1.59 35.41
N MET A 396 8.29 -1.20 34.20
CA MET A 396 9.11 -1.28 32.99
C MET A 396 10.24 -0.26 33.07
N TRP A 397 9.85 0.99 33.24
CA TRP A 397 10.74 2.11 33.48
C TRP A 397 12.14 1.70 33.95
N LYS A 398 12.30 1.46 35.25
CA LYS A 398 13.48 0.78 35.74
C LYS A 398 13.22 -0.71 35.55
N ASN A 399 14.12 -1.38 34.85
CA ASN A 399 13.83 -2.72 34.34
C ASN A 399 13.71 -3.79 35.42
N GLN A 400 12.50 -3.93 35.97
CA GLN A 400 12.21 -4.89 37.02
C GLN A 400 11.11 -5.87 36.63
N HIS A 401 10.66 -5.78 35.38
CA HIS A 401 9.63 -6.70 34.87
C HIS A 401 10.21 -8.07 34.51
N PRO A 402 9.36 -9.10 34.58
CA PRO A 402 9.80 -10.44 34.19
C PRO A 402 9.84 -10.55 32.68
N PRO A 403 10.61 -11.50 32.15
CA PRO A 403 10.77 -11.72 30.72
C PRO A 403 9.44 -11.91 30.00
N GLY A 404 9.31 -11.31 28.81
CA GLY A 404 8.10 -11.42 28.04
C GLY A 404 7.32 -10.12 28.05
N ASN A 405 6.00 -10.21 27.89
CA ASN A 405 5.16 -9.06 27.61
C ASN A 405 4.06 -8.78 28.64
N MET A 406 4.11 -7.64 29.31
CA MET A 406 3.05 -7.29 30.26
C MET A 406 1.73 -6.92 29.61
N ALA A 407 0.69 -6.85 30.43
CA ALA A 407 -0.67 -6.51 29.99
C ALA A 407 -1.42 -5.88 31.16
N VAL A 408 -2.49 -5.14 30.88
CA VAL A 408 -3.32 -4.58 31.93
C VAL A 408 -4.78 -4.76 31.55
N LEU A 409 -5.66 -4.77 32.54
CA LEU A 409 -7.09 -4.99 32.31
C LEU A 409 -7.87 -3.69 32.13
N VAL A 410 -8.91 -3.75 31.31
CA VAL A 410 -9.85 -2.65 31.19
C VAL A 410 -11.25 -3.08 31.57
N ASN A 411 -12.09 -3.34 30.57
CA ASN A 411 -13.46 -3.73 30.83
C ASN A 411 -13.57 -5.19 31.22
N SER A 412 -12.51 -5.96 30.96
CA SER A 412 -12.41 -7.31 31.46
C SER A 412 -12.12 -7.22 32.96
N THR A 413 -13.06 -7.70 33.75
CA THR A 413 -13.08 -7.44 35.19
C THR A 413 -12.18 -8.36 36.05
N ARG A 414 -11.63 -9.41 35.45
CA ARG A 414 -10.76 -10.31 36.19
C ARG A 414 -9.85 -11.07 35.25
N ALA A 415 -8.68 -11.43 35.76
CA ALA A 415 -7.74 -12.20 34.99
C ALA A 415 -8.30 -13.58 34.66
N GLY A 416 -8.01 -14.06 33.44
CA GLY A 416 -8.38 -15.42 33.04
C GLY A 416 -9.67 -15.51 32.26
N LEU A 417 -10.36 -14.38 32.09
CA LEU A 417 -11.60 -14.32 31.33
C LEU A 417 -11.34 -14.42 29.82
N ARG A 418 -12.17 -15.18 29.12
CA ARG A 418 -12.00 -15.41 27.68
C ARG A 418 -13.08 -14.79 26.82
N THR A 419 -14.34 -15.16 27.05
CA THR A 419 -15.42 -14.59 26.24
C THR A 419 -16.07 -13.36 26.89
N VAL A 420 -17.05 -12.77 26.20
CA VAL A 420 -17.82 -11.66 26.75
C VAL A 420 -18.84 -12.17 27.76
N GLU A 421 -19.35 -13.38 27.53
CA GLU A 421 -20.22 -14.03 28.47
C GLU A 421 -19.50 -14.15 29.81
N ASP A 422 -18.24 -14.56 29.77
CA ASP A 422 -17.41 -14.66 30.98
C ASP A 422 -17.28 -13.32 31.74
N VAL A 423 -17.16 -12.22 31.00
CA VAL A 423 -17.01 -10.89 31.60
C VAL A 423 -18.28 -10.42 32.28
N ILE A 424 -19.41 -10.89 31.77
CA ILE A 424 -20.70 -10.51 32.30
C ILE A 424 -20.92 -11.17 33.65
N GLU A 425 -20.92 -12.51 33.65
CA GLU A 425 -21.19 -13.29 34.86
C GLU A 425 -20.17 -13.06 35.99
N ALA A 426 -19.00 -12.54 35.64
CA ALA A 426 -17.96 -12.20 36.63
C ALA A 426 -18.26 -10.86 37.29
N GLY A 427 -19.05 -10.03 36.61
CA GLY A 427 -19.63 -8.85 37.21
C GLY A 427 -18.94 -7.56 36.87
N PRO A 428 -19.71 -6.47 36.75
CA PRO A 428 -19.20 -5.12 36.59
C PRO A 428 -18.19 -4.78 37.68
N LEU A 429 -17.45 -3.71 37.49
CA LEU A 429 -16.45 -3.28 38.47
C LEU A 429 -16.26 -1.75 38.50
N LYS A 430 -16.12 -1.18 39.69
CA LYS A 430 -16.01 0.26 39.88
C LYS A 430 -14.70 0.76 39.27
N ALA A 431 -14.81 1.79 38.44
CA ALA A 431 -13.66 2.24 37.68
C ALA A 431 -12.82 3.20 38.49
N MET A 432 -13.45 3.89 39.42
CA MET A 432 -12.78 4.99 40.06
C MET A 432 -12.96 4.92 41.55
N ALA A 433 -12.46 3.86 42.16
CA ALA A 433 -12.51 3.85 43.61
C ALA A 433 -11.21 3.74 44.39
N ALA A 434 -11.33 4.30 45.59
CA ALA A 434 -10.21 4.85 46.35
C ALA A 434 -10.56 4.92 47.84
N TRP B 9 -6.63 34.41 -10.33
CA TRP B 9 -7.88 34.57 -11.07
C TRP B 9 -9.09 34.41 -10.16
N THR B 10 -8.85 34.54 -8.86
CA THR B 10 -9.88 34.30 -7.84
C THR B 10 -11.16 35.18 -7.95
N GLY B 11 -11.00 36.43 -8.41
CA GLY B 11 -12.11 37.36 -8.52
C GLY B 11 -12.61 37.76 -9.91
N GLN B 12 -11.98 37.21 -10.96
CA GLN B 12 -12.46 37.39 -12.34
C GLN B 12 -13.51 36.34 -12.65
N THR B 13 -14.11 35.79 -11.60
CA THR B 13 -15.06 34.70 -11.76
C THR B 13 -16.48 35.23 -11.97
N ALA B 14 -17.44 34.32 -11.80
CA ALA B 14 -18.86 34.65 -11.90
C ALA B 14 -19.47 34.75 -10.50
N GLU B 15 -20.79 34.96 -10.46
CA GLU B 15 -21.53 35.04 -9.20
C GLU B 15 -21.84 33.66 -8.65
N ALA B 16 -22.40 33.62 -7.45
CA ALA B 16 -22.83 32.36 -6.86
C ALA B 16 -24.22 31.95 -7.38
N LYS B 17 -24.27 30.84 -8.10
CA LYS B 17 -25.51 30.31 -8.64
C LYS B 17 -25.50 28.78 -8.62
N ASP B 18 -26.59 28.16 -9.04
CA ASP B 18 -26.74 26.70 -8.91
C ASP B 18 -26.66 25.94 -10.23
N LEU B 19 -26.22 26.64 -11.28
CA LEU B 19 -25.92 26.01 -12.57
C LEU B 19 -25.09 26.95 -13.45
N TYR B 20 -23.96 26.44 -13.94
CA TYR B 20 -23.07 27.22 -14.78
C TYR B 20 -22.95 26.60 -16.18
N GLU B 21 -22.60 27.42 -17.16
CA GLU B 21 -22.35 26.90 -18.50
C GLU B 21 -20.86 26.53 -18.59
N LEU B 22 -20.46 25.93 -19.71
CA LEU B 22 -19.09 25.48 -19.88
C LEU B 22 -18.11 26.64 -19.76
N GLY B 23 -17.08 26.48 -18.94
CA GLY B 23 -16.10 27.52 -18.77
C GLY B 23 -16.62 28.76 -18.09
N GLU B 24 -17.85 28.70 -17.60
CA GLU B 24 -18.36 29.77 -16.73
C GLU B 24 -17.88 29.45 -15.32
N ILE B 25 -16.70 29.98 -14.99
CA ILE B 25 -16.04 29.69 -13.73
C ILE B 25 -16.88 30.17 -12.55
N PRO B 26 -17.24 29.26 -11.65
CA PRO B 26 -17.86 29.68 -10.40
C PRO B 26 -16.79 30.23 -9.46
N PRO B 27 -17.20 30.94 -8.39
CA PRO B 27 -16.25 31.43 -7.40
C PRO B 27 -15.61 30.22 -6.81
N LEU B 28 -14.31 30.28 -6.54
CA LEU B 28 -13.60 29.13 -5.98
C LEU B 28 -14.27 28.56 -4.72
N GLY B 29 -14.59 27.27 -4.74
CA GLY B 29 -15.13 26.60 -3.58
C GLY B 29 -16.64 26.72 -3.45
N HIS B 30 -17.26 27.41 -4.40
CA HIS B 30 -18.70 27.38 -4.48
C HIS B 30 -19.12 26.20 -5.31
N VAL B 31 -20.08 25.43 -4.82
CA VAL B 31 -20.52 24.24 -5.54
C VAL B 31 -22.00 24.28 -5.88
N PRO B 32 -22.34 24.43 -7.18
CA PRO B 32 -23.70 24.51 -7.70
C PRO B 32 -24.50 23.26 -7.38
N ALA B 33 -25.79 23.41 -7.18
CA ALA B 33 -26.64 22.29 -6.90
C ALA B 33 -26.59 21.31 -8.08
N LYS B 34 -26.33 21.83 -9.27
CA LYS B 34 -26.48 21.06 -10.50
C LYS B 34 -25.36 21.26 -11.52
N MET B 35 -25.21 20.27 -12.40
CA MET B 35 -24.21 20.31 -13.44
C MET B 35 -24.73 19.65 -14.71
N TYR B 36 -24.05 19.92 -15.83
CA TYR B 36 -24.31 19.26 -17.11
C TYR B 36 -23.46 18.01 -17.25
N ALA B 37 -24.01 16.95 -17.81
CA ALA B 37 -23.22 15.74 -17.99
C ALA B 37 -23.66 14.88 -19.16
N TRP B 38 -22.80 13.95 -19.54
CA TRP B 38 -23.12 12.91 -20.52
C TRP B 38 -23.35 11.61 -19.77
N ALA B 39 -24.62 11.23 -19.65
CA ALA B 39 -25.01 10.05 -18.89
C ALA B 39 -25.53 8.91 -19.75
N ILE B 40 -25.55 7.72 -19.15
CA ILE B 40 -26.03 6.48 -19.75
C ILE B 40 -27.11 5.88 -18.83
N ARG B 41 -28.12 5.28 -19.42
CA ARG B 41 -29.13 4.55 -18.64
C ARG B 41 -29.41 3.20 -19.26
N ARG B 42 -29.83 2.23 -18.46
CA ARG B 42 -29.90 0.85 -18.93
C ARG B 42 -30.71 0.61 -20.23
N GLU B 43 -31.75 1.40 -20.50
CA GLU B 43 -32.56 1.19 -21.71
C GLU B 43 -31.97 1.83 -22.97
N ARG B 44 -31.08 2.80 -22.77
CA ARG B 44 -30.36 3.41 -23.89
C ARG B 44 -29.31 2.47 -24.48
N HIS B 45 -28.84 1.52 -23.67
CA HIS B 45 -27.74 0.63 -24.06
C HIS B 45 -27.65 0.35 -25.55
N GLY B 46 -26.48 0.62 -26.10
CA GLY B 46 -26.20 0.47 -27.52
C GLY B 46 -25.09 1.40 -27.94
N PRO B 47 -24.91 1.56 -29.25
CA PRO B 47 -23.90 2.42 -29.87
C PRO B 47 -23.78 3.77 -29.15
N PRO B 48 -22.53 4.26 -29.00
CA PRO B 48 -22.22 5.45 -28.21
C PRO B 48 -23.13 6.63 -28.53
N GLU B 49 -23.43 6.88 -29.79
CA GLU B 49 -24.29 8.03 -30.12
C GLU B 49 -25.72 7.81 -29.67
N GLN B 50 -26.07 6.54 -29.48
CA GLN B 50 -27.39 6.17 -28.98
C GLN B 50 -27.46 6.20 -27.44
N SER B 51 -26.46 5.62 -26.77
CA SER B 51 -26.53 5.43 -25.32
C SER B 51 -26.01 6.58 -24.47
N HIS B 52 -25.14 7.42 -25.04
CA HIS B 52 -24.66 8.61 -24.33
C HIS B 52 -25.52 9.81 -24.70
N GLN B 53 -26.32 10.28 -23.75
CA GLN B 53 -27.20 11.42 -23.98
C GLN B 53 -26.95 12.47 -22.92
N LEU B 54 -27.44 13.69 -23.16
CA LEU B 54 -27.05 14.82 -22.33
C LEU B 54 -28.10 15.20 -21.31
N GLU B 55 -27.67 15.23 -20.05
CA GLU B 55 -28.59 15.49 -18.95
C GLU B 55 -28.07 16.59 -18.03
N VAL B 56 -28.99 17.17 -17.28
CA VAL B 56 -28.65 17.99 -16.13
C VAL B 56 -28.92 17.24 -14.81
N LEU B 57 -27.85 16.99 -14.07
CA LEU B 57 -27.93 16.19 -12.87
C LEU B 57 -27.37 16.94 -11.67
N PRO B 58 -27.56 16.39 -10.47
CA PRO B 58 -26.98 16.94 -9.24
C PRO B 58 -25.48 16.69 -9.13
N VAL B 59 -24.80 17.61 -8.47
CA VAL B 59 -23.38 17.47 -8.25
C VAL B 59 -23.14 16.48 -7.13
N TRP B 60 -22.19 15.57 -7.32
CA TRP B 60 -21.88 14.50 -6.36
C TRP B 60 -21.67 14.93 -4.93
N GLU B 61 -22.31 14.20 -4.02
CA GLU B 61 -22.01 14.31 -2.62
C GLU B 61 -20.66 13.61 -2.39
N ILE B 62 -19.78 14.20 -1.57
CA ILE B 62 -18.48 13.58 -1.30
C ILE B 62 -18.19 13.28 0.18
N GLY B 63 -17.38 12.25 0.43
CA GLY B 63 -17.09 11.82 1.77
C GLY B 63 -15.73 12.23 2.33
N ASP B 64 -15.38 11.65 3.48
CA ASP B 64 -14.25 12.10 4.28
C ASP B 64 -12.93 12.19 3.54
N ASP B 65 -12.66 11.21 2.68
CA ASP B 65 -11.38 11.12 1.98
C ASP B 65 -11.51 11.36 0.48
N GLU B 66 -12.67 11.83 0.04
CA GLU B 66 -12.91 12.07 -1.38
C GLU B 66 -12.73 13.52 -1.77
N VAL B 67 -12.81 13.80 -3.07
CA VAL B 67 -12.56 15.15 -3.57
C VAL B 67 -13.41 15.40 -4.77
N LEU B 68 -13.72 16.66 -5.04
CA LEU B 68 -14.56 17.03 -6.16
C LEU B 68 -13.77 17.88 -7.13
N VAL B 69 -13.79 17.51 -8.41
CA VAL B 69 -12.97 18.22 -9.40
C VAL B 69 -13.81 18.94 -10.46
N TYR B 70 -13.43 20.18 -10.77
CA TYR B 70 -14.05 20.92 -11.85
C TYR B 70 -13.25 20.50 -13.05
N VAL B 71 -13.91 19.84 -14.00
CA VAL B 71 -13.24 19.18 -15.13
C VAL B 71 -13.02 20.08 -16.36
N MET B 72 -11.74 20.28 -16.73
CA MET B 72 -11.41 21.06 -17.93
C MET B 72 -11.46 20.25 -19.21
N ALA B 73 -10.65 19.20 -19.28
CA ALA B 73 -10.73 18.25 -20.39
C ALA B 73 -10.76 16.82 -19.86
N ALA B 74 -11.03 15.86 -20.75
CA ALA B 74 -11.03 14.47 -20.37
C ALA B 74 -10.46 13.59 -21.48
N GLY B 75 -10.33 12.30 -21.22
CA GLY B 75 -9.78 11.38 -22.19
C GLY B 75 -10.83 10.41 -22.73
N VAL B 76 -10.62 9.96 -23.96
CA VAL B 76 -11.48 8.99 -24.56
C VAL B 76 -10.74 7.67 -24.53
N ASN B 77 -11.38 6.67 -23.94
CA ASN B 77 -10.85 5.31 -23.97
C ASN B 77 -11.95 4.32 -24.32
N TYR B 78 -11.53 3.12 -24.73
CA TYR B 78 -12.40 2.03 -25.13
C TYR B 78 -13.46 1.71 -24.09
N ASN B 79 -13.09 1.76 -22.81
CA ASN B 79 -14.03 1.35 -21.77
C ASN B 79 -15.33 2.18 -21.74
N GLY B 80 -15.25 3.45 -22.16
CA GLY B 80 -16.44 4.25 -22.25
C GLY B 80 -17.40 3.70 -23.28
N VAL B 81 -16.90 2.87 -24.18
CA VAL B 81 -17.72 2.28 -25.24
C VAL B 81 -18.39 1.01 -24.74
N TRP B 82 -17.62 0.23 -23.99
CA TRP B 82 -18.11 -1.00 -23.39
C TRP B 82 -19.26 -0.68 -22.43
N ALA B 83 -19.18 0.49 -21.80
CA ALA B 83 -20.22 0.97 -20.88
C ALA B 83 -21.50 1.36 -21.63
N GLY B 84 -21.39 2.26 -22.60
CA GLY B 84 -22.52 2.61 -23.44
C GLY B 84 -23.13 1.38 -24.10
N LEU B 85 -22.28 0.38 -24.35
CA LEU B 85 -22.71 -0.85 -25.00
C LEU B 85 -23.49 -1.76 -24.06
N GLY B 86 -23.04 -1.82 -22.81
CA GLY B 86 -23.61 -2.73 -21.85
C GLY B 86 -23.01 -4.10 -22.09
N GLU B 87 -21.84 -4.10 -22.71
CA GLU B 87 -21.09 -5.32 -22.91
C GLU B 87 -19.59 -5.07 -22.92
N PRO B 88 -18.81 -6.07 -22.50
CA PRO B 88 -19.26 -7.42 -22.13
C PRO B 88 -20.23 -7.45 -20.96
N ILE B 89 -20.35 -6.36 -20.21
CA ILE B 89 -21.32 -6.27 -19.14
C ILE B 89 -21.86 -4.85 -19.03
N SER B 90 -23.02 -4.73 -18.39
CA SER B 90 -23.56 -3.43 -18.01
C SER B 90 -23.03 -3.08 -16.64
N PRO B 91 -22.72 -1.78 -16.41
CA PRO B 91 -22.24 -1.20 -15.14
C PRO B 91 -23.32 -1.18 -14.06
N PHE B 92 -24.58 -1.21 -14.49
CA PHE B 92 -25.71 -1.28 -13.57
C PHE B 92 -25.84 -2.67 -12.88
N ASP B 93 -25.10 -3.65 -13.37
CA ASP B 93 -25.00 -4.94 -12.72
C ASP B 93 -23.78 -4.93 -11.81
N VAL B 94 -23.17 -3.75 -11.65
CA VAL B 94 -21.98 -3.58 -10.83
C VAL B 94 -22.25 -2.59 -9.70
N HIS B 95 -22.91 -1.48 -10.04
CA HIS B 95 -23.31 -0.52 -9.01
C HIS B 95 -24.81 -0.28 -9.02
N LYS B 96 -25.31 0.24 -7.92
CA LYS B 96 -26.75 0.27 -7.72
C LYS B 96 -27.36 1.53 -8.29
N GLY B 97 -26.65 2.16 -9.21
CA GLY B 97 -27.03 3.49 -9.69
C GLY B 97 -28.14 3.54 -10.73
N GLU B 98 -28.86 4.67 -10.78
CA GLU B 98 -29.96 4.80 -11.75
C GLU B 98 -29.42 5.24 -13.11
N TYR B 99 -28.36 6.05 -13.06
CA TYR B 99 -27.66 6.56 -14.23
C TYR B 99 -26.13 6.37 -14.09
N HIS B 100 -25.37 6.63 -15.16
CA HIS B 100 -23.92 6.44 -15.14
C HIS B 100 -23.13 7.47 -15.99
N ILE B 101 -22.20 8.16 -15.34
CA ILE B 101 -21.32 9.10 -16.03
C ILE B 101 -19.94 8.50 -16.28
N ALA B 102 -19.59 8.29 -17.55
CA ALA B 102 -18.36 7.59 -17.89
C ALA B 102 -17.20 8.55 -17.99
N GLY B 103 -16.03 8.02 -18.33
CA GLY B 103 -14.83 8.83 -18.53
C GLY B 103 -13.82 8.53 -17.45
N SER B 104 -12.65 8.04 -17.85
CA SER B 104 -11.66 7.54 -16.90
C SER B 104 -10.31 8.27 -16.89
N ASP B 105 -10.27 9.42 -17.57
CA ASP B 105 -9.08 10.25 -17.61
C ASP B 105 -9.54 11.69 -17.43
N ALA B 106 -8.70 12.55 -16.86
CA ALA B 106 -9.09 13.96 -16.69
C ALA B 106 -8.05 14.93 -16.18
N SER B 107 -8.24 16.21 -16.51
CA SER B 107 -7.48 17.33 -15.92
C SER B 107 -8.42 18.42 -15.40
N GLY B 108 -8.10 19.03 -14.27
CA GLY B 108 -8.96 20.09 -13.77
C GLY B 108 -8.50 20.72 -12.47
N ILE B 109 -9.41 21.38 -11.76
CA ILE B 109 -9.07 22.02 -10.50
C ILE B 109 -9.81 21.32 -9.38
N VAL B 110 -9.21 21.26 -8.19
CA VAL B 110 -9.95 20.71 -7.06
C VAL B 110 -10.84 21.82 -6.53
N TRP B 111 -12.11 21.49 -6.35
CA TRP B 111 -13.12 22.46 -5.93
C TRP B 111 -13.55 22.29 -4.45
N LYS B 112 -13.63 21.05 -3.99
CA LYS B 112 -14.02 20.78 -2.62
C LYS B 112 -13.35 19.50 -2.13
N VAL B 113 -12.86 19.50 -0.88
CA VAL B 113 -12.24 18.29 -0.33
C VAL B 113 -12.93 17.78 0.93
N GLY B 114 -12.84 16.47 1.15
CA GLY B 114 -13.36 15.85 2.35
C GLY B 114 -12.70 16.35 3.62
N ALA B 115 -13.28 15.97 4.75
CA ALA B 115 -12.84 16.45 6.04
C ALA B 115 -11.45 15.98 6.36
N LYS B 116 -11.11 14.78 5.90
CA LYS B 116 -9.81 14.18 6.20
C LYS B 116 -8.75 14.36 5.09
N VAL B 117 -8.98 15.28 4.16
CA VAL B 117 -8.03 15.50 3.08
C VAL B 117 -7.00 16.59 3.39
N LYS B 118 -5.73 16.18 3.54
CA LYS B 118 -4.64 17.11 3.86
C LYS B 118 -3.67 17.33 2.70
N ARG B 119 -3.43 16.28 1.92
CA ARG B 119 -2.47 16.33 0.82
C ARG B 119 -2.78 17.35 -0.26
N TRP B 120 -4.07 17.47 -0.57
CA TRP B 120 -4.55 18.29 -1.68
C TRP B 120 -5.40 19.42 -1.15
N LYS B 121 -5.33 20.58 -1.81
CA LYS B 121 -6.06 21.76 -1.36
C LYS B 121 -6.81 22.45 -2.49
N VAL B 122 -7.97 23.03 -2.17
CA VAL B 122 -8.86 23.66 -3.15
C VAL B 122 -8.13 24.68 -4.06
N GLY B 123 -8.28 24.53 -5.38
CA GLY B 123 -7.59 25.40 -6.32
C GLY B 123 -6.33 24.78 -6.93
N ASP B 124 -5.88 23.67 -6.37
CA ASP B 124 -4.81 22.89 -6.95
C ASP B 124 -5.20 22.33 -8.31
N GLU B 125 -4.26 22.35 -9.26
CA GLU B 125 -4.50 21.82 -10.60
C GLU B 125 -4.03 20.36 -10.73
N VAL B 126 -4.91 19.47 -11.17
CA VAL B 126 -4.62 18.04 -11.08
C VAL B 126 -4.97 17.25 -12.34
N ILE B 127 -4.41 16.05 -12.45
CA ILE B 127 -4.92 15.05 -13.39
C ILE B 127 -5.31 13.81 -12.59
N VAL B 128 -6.06 12.88 -13.20
CA VAL B 128 -6.68 11.77 -12.46
C VAL B 128 -6.31 10.36 -12.91
N HIS B 129 -5.96 9.53 -11.93
CA HIS B 129 -5.70 8.13 -12.17
C HIS B 129 -6.96 7.37 -11.82
N CYS B 130 -7.20 6.30 -12.57
CA CYS B 130 -8.51 5.65 -12.56
C CYS B 130 -8.65 4.48 -11.58
N ASN B 131 -7.61 4.13 -10.84
CA ASN B 131 -7.70 3.06 -9.85
C ASN B 131 -8.23 3.49 -8.47
N GLN B 132 -9.12 2.67 -7.91
CA GLN B 132 -9.76 2.89 -6.61
C GLN B 132 -9.77 1.59 -5.80
N ASP B 133 -9.77 1.71 -4.47
CA ASP B 133 -9.98 0.58 -3.55
C ASP B 133 -10.56 1.08 -2.22
N ASP B 134 -10.92 0.16 -1.33
CA ASP B 134 -11.60 0.58 -0.09
C ASP B 134 -10.57 1.05 0.94
N GLY B 135 -9.33 0.61 0.74
CA GLY B 135 -8.20 1.18 1.43
C GLY B 135 -7.79 0.51 2.72
N ASP B 136 -8.46 -0.57 3.10
CA ASP B 136 -8.28 -1.08 4.46
C ASP B 136 -8.01 -2.58 4.63
N ASP B 137 -7.76 -3.30 3.54
CA ASP B 137 -7.34 -4.67 3.71
C ASP B 137 -5.81 -4.89 3.61
N GLU B 138 -5.37 -6.14 3.74
CA GLU B 138 -3.95 -6.47 3.70
C GLU B 138 -3.27 -5.94 2.44
N GLU B 139 -3.81 -6.22 1.26
CA GLU B 139 -3.16 -5.78 0.04
C GLU B 139 -3.03 -4.27 -0.13
N CYS B 140 -4.03 -3.49 0.27
CA CYS B 140 -3.93 -2.03 0.19
C CYS B 140 -3.09 -1.46 1.32
N ASN B 141 -2.66 -2.33 2.22
CA ASN B 141 -1.84 -1.88 3.33
C ASN B 141 -0.60 -2.74 3.60
N GLY B 142 0.22 -2.92 2.56
CA GLY B 142 1.44 -3.68 2.73
C GLY B 142 1.84 -4.46 1.49
N GLY B 143 0.85 -4.92 0.74
CA GLY B 143 1.10 -5.60 -0.52
C GLY B 143 0.80 -4.71 -1.70
N ASP B 144 0.30 -5.33 -2.77
CA ASP B 144 -0.06 -4.63 -4.00
C ASP B 144 -1.58 -4.38 -4.05
N PRO B 145 -2.00 -3.11 -3.97
CA PRO B 145 -3.42 -2.77 -3.88
C PRO B 145 -4.26 -3.23 -5.08
N MET B 146 -3.60 -3.74 -6.13
CA MET B 146 -4.33 -4.21 -7.32
C MET B 146 -4.84 -5.63 -7.10
N PHE B 147 -4.36 -6.26 -6.03
CA PHE B 147 -4.72 -7.61 -5.67
C PHE B 147 -5.80 -7.60 -4.58
N SER B 148 -6.35 -6.44 -4.30
CA SER B 148 -7.48 -6.37 -3.40
C SER B 148 -8.77 -6.53 -4.21
N PRO B 149 -9.69 -7.37 -3.74
CA PRO B 149 -11.01 -7.57 -4.32
C PRO B 149 -11.78 -6.26 -4.38
N THR B 150 -11.44 -5.36 -3.46
CA THR B 150 -12.02 -4.02 -3.42
C THR B 150 -11.64 -3.12 -4.62
N GLN B 151 -10.59 -3.48 -5.36
CA GLN B 151 -10.11 -2.67 -6.49
C GLN B 151 -11.15 -2.60 -7.57
N ARG B 152 -11.24 -1.43 -8.20
CA ARG B 152 -12.15 -1.17 -9.30
C ARG B 152 -11.72 0.06 -10.11
N ILE B 153 -12.22 0.19 -11.34
CA ILE B 153 -11.84 1.28 -12.22
C ILE B 153 -12.86 2.41 -12.27
N TRP B 154 -12.43 3.63 -11.92
CA TRP B 154 -13.31 4.81 -11.84
C TRP B 154 -13.80 5.27 -13.21
N GLY B 155 -15.12 5.38 -13.35
CA GLY B 155 -15.75 5.81 -14.59
C GLY B 155 -16.25 4.64 -15.42
N TYR B 156 -15.82 3.44 -15.07
CA TYR B 156 -16.33 2.22 -15.69
C TYR B 156 -17.19 1.43 -14.68
N GLU B 157 -16.57 0.90 -13.64
CA GLU B 157 -17.31 0.27 -12.54
C GLU B 157 -17.86 1.33 -11.57
N THR B 158 -17.66 2.63 -11.88
CA THR B 158 -18.36 3.70 -11.15
C THR B 158 -18.88 4.74 -12.14
N GLY B 159 -20.01 5.35 -11.84
CA GLY B 159 -20.62 6.32 -12.72
C GLY B 159 -20.41 7.77 -12.28
N ASP B 160 -19.44 7.99 -11.40
CA ASP B 160 -19.07 9.36 -11.03
C ASP B 160 -17.86 9.81 -11.88
N GLY B 161 -17.88 9.43 -13.15
CA GLY B 161 -16.77 9.67 -14.06
C GLY B 161 -16.64 11.11 -14.51
N SER B 162 -15.79 11.31 -15.51
CA SER B 162 -15.27 12.62 -15.89
C SER B 162 -15.95 13.33 -17.08
N PHE B 163 -17.01 12.75 -17.63
CA PHE B 163 -17.69 13.37 -18.77
C PHE B 163 -18.79 14.29 -18.27
N ALA B 164 -18.41 15.25 -17.42
CA ALA B 164 -19.36 16.13 -16.74
C ALA B 164 -18.60 17.31 -16.13
N GLN B 165 -19.33 18.36 -15.77
CA GLN B 165 -18.66 19.55 -15.24
C GLN B 165 -17.91 19.22 -13.96
N PHE B 166 -18.42 18.23 -13.23
CA PHE B 166 -17.76 17.74 -12.03
C PHE B 166 -17.74 16.21 -11.94
N CYS B 167 -16.67 15.69 -11.35
CA CYS B 167 -16.58 14.26 -11.11
C CYS B 167 -16.11 14.08 -9.69
N ARG B 168 -16.32 12.88 -9.16
CA ARG B 168 -15.95 12.56 -7.80
C ARG B 168 -14.85 11.48 -7.76
N VAL B 169 -13.79 11.75 -7.01
CA VAL B 169 -12.66 10.83 -6.96
C VAL B 169 -12.14 10.68 -5.54
N GLN B 170 -11.37 9.62 -5.30
CA GLN B 170 -10.67 9.48 -4.03
C GLN B 170 -9.39 10.31 -4.08
N SER B 171 -9.01 10.83 -2.92
CA SER B 171 -7.74 11.54 -2.83
C SER B 171 -6.59 10.73 -3.44
N ARG B 172 -6.65 9.40 -3.30
CA ARG B 172 -5.58 8.51 -3.75
C ARG B 172 -5.56 8.32 -5.27
N GLN B 173 -6.42 9.08 -5.96
CA GLN B 173 -6.45 9.09 -7.43
C GLN B 173 -5.76 10.30 -8.01
N LEU B 174 -5.39 11.24 -7.17
CA LEU B 174 -4.88 12.51 -7.64
C LEU B 174 -3.37 12.59 -7.83
N MET B 175 -2.96 13.15 -8.96
CA MET B 175 -1.57 13.47 -9.24
C MET B 175 -1.47 14.93 -9.69
N ALA B 176 -0.31 15.55 -9.49
CA ALA B 176 -0.09 16.90 -9.99
C ALA B 176 -0.03 17.02 -11.52
N ARG B 177 -0.66 18.06 -12.05
CA ARG B 177 -0.68 18.39 -13.49
C ARG B 177 0.59 19.12 -13.97
N PRO B 178 1.17 18.65 -15.09
CA PRO B 178 2.28 19.30 -15.80
C PRO B 178 1.85 20.65 -16.36
N LYS B 179 2.45 21.74 -15.88
CA LYS B 179 2.04 23.08 -16.27
C LYS B 179 2.31 23.38 -17.74
N HIS B 180 3.18 22.58 -18.34
CA HIS B 180 3.63 22.82 -19.70
C HIS B 180 2.70 22.25 -20.77
N LEU B 181 1.60 21.65 -20.36
CA LEU B 181 0.67 21.03 -21.30
C LEU B 181 -0.66 21.79 -21.40
N THR B 182 -1.41 21.55 -22.47
CA THR B 182 -2.73 22.11 -22.59
C THR B 182 -3.60 21.26 -21.71
N TRP B 183 -4.81 21.72 -21.42
CA TRP B 183 -5.74 20.95 -20.62
C TRP B 183 -6.00 19.57 -21.22
N GLU B 184 -6.17 19.52 -22.54
CA GLU B 184 -6.48 18.27 -23.24
C GLU B 184 -5.31 17.30 -23.23
N GLU B 185 -4.11 17.82 -23.48
CA GLU B 185 -2.91 17.01 -23.37
C GLU B 185 -2.73 16.38 -22.00
N ALA B 186 -2.90 17.20 -20.96
CA ALA B 186 -2.83 16.75 -19.57
C ALA B 186 -3.81 15.62 -19.26
N ALA B 187 -4.84 15.48 -20.07
CA ALA B 187 -5.92 14.58 -19.71
C ALA B 187 -6.05 13.33 -20.55
N CYS B 188 -5.10 13.07 -21.45
CA CYS B 188 -5.31 12.02 -22.45
C CYS B 188 -4.58 10.71 -22.13
N TYR B 189 -3.53 10.81 -21.32
CA TYR B 189 -2.49 9.78 -21.31
C TYR B 189 -2.47 8.88 -20.05
N THR B 190 -2.91 9.41 -18.91
CA THR B 190 -2.68 8.72 -17.65
C THR B 190 -3.10 7.26 -17.63
N LEU B 191 -4.30 6.98 -18.10
CA LEU B 191 -4.79 5.60 -18.03
C LEU B 191 -3.94 4.66 -18.87
N THR B 192 -3.60 5.11 -20.07
CA THR B 192 -2.88 4.29 -21.01
C THR B 192 -1.37 4.23 -20.72
N LEU B 193 -0.83 5.34 -20.22
CA LEU B 193 0.58 5.42 -19.83
C LEU B 193 0.87 4.54 -18.62
N ALA B 194 0.12 4.76 -17.56
CA ALA B 194 0.30 4.01 -16.33
C ALA B 194 0.18 2.50 -16.57
N THR B 195 -0.78 2.07 -17.37
CA THR B 195 -0.95 0.64 -17.68
C THR B 195 0.33 0.06 -18.26
N ALA B 196 0.92 0.79 -19.21
CA ALA B 196 2.11 0.32 -19.90
C ALA B 196 3.31 0.35 -18.98
N TYR B 197 3.30 1.31 -18.06
CA TYR B 197 4.36 1.39 -17.07
C TYR B 197 4.32 0.17 -16.12
N ARG B 198 3.13 -0.22 -15.66
CA ARG B 198 3.04 -1.44 -14.87
C ARG B 198 3.62 -2.62 -15.62
N MET B 199 3.27 -2.78 -16.89
CA MET B 199 3.74 -3.93 -17.66
C MET B 199 5.27 -4.06 -17.65
N LEU B 200 5.98 -2.94 -17.75
CA LEU B 200 7.44 -2.95 -17.93
C LEU B 200 8.27 -2.69 -16.69
N PHE B 201 7.65 -2.28 -15.60
CA PHE B 201 8.39 -1.99 -14.37
C PHE B 201 7.74 -2.53 -13.11
N GLY B 202 6.62 -3.22 -13.28
CA GLY B 202 5.83 -3.61 -12.13
C GLY B 202 5.84 -5.10 -11.85
N HIS B 203 6.66 -5.82 -12.58
CA HIS B 203 6.73 -7.26 -12.40
C HIS B 203 8.17 -7.76 -12.20
N ALA B 204 8.81 -7.34 -11.12
CA ALA B 204 10.09 -7.93 -10.74
C ALA B 204 10.01 -9.43 -10.81
N PRO B 205 11.14 -10.06 -11.18
CA PRO B 205 12.36 -9.32 -11.48
C PRO B 205 12.53 -8.97 -12.99
N HIS B 206 11.49 -9.24 -13.78
CA HIS B 206 11.48 -8.97 -15.22
C HIS B 206 11.04 -7.53 -15.56
N THR B 207 11.84 -6.56 -15.12
CA THR B 207 11.61 -5.18 -15.46
C THR B 207 12.62 -4.73 -16.50
N VAL B 208 12.41 -3.53 -17.04
CA VAL B 208 13.27 -3.01 -18.11
C VAL B 208 14.55 -2.41 -17.55
N ARG B 209 15.67 -2.71 -18.22
CA ARG B 209 16.97 -2.20 -17.81
C ARG B 209 17.73 -1.61 -19.00
N PRO B 210 18.62 -0.65 -18.74
CA PRO B 210 19.43 -0.12 -19.84
C PRO B 210 20.07 -1.27 -20.58
N GLY B 211 19.74 -1.40 -21.85
CA GLY B 211 20.41 -2.37 -22.69
C GLY B 211 19.46 -3.33 -23.32
N GLN B 212 18.36 -3.64 -22.64
CA GLN B 212 17.47 -4.72 -23.06
C GLN B 212 16.73 -4.41 -24.37
N ASN B 213 16.30 -5.46 -25.05
CA ASN B 213 15.52 -5.33 -26.27
C ASN B 213 14.09 -5.81 -26.05
N VAL B 214 13.12 -4.99 -26.43
CA VAL B 214 11.72 -5.22 -26.05
C VAL B 214 10.79 -5.17 -27.25
N LEU B 215 10.20 -6.30 -27.60
CA LEU B 215 9.27 -6.35 -28.71
C LEU B 215 7.96 -5.63 -28.35
N ILE B 216 7.64 -4.55 -29.04
CA ILE B 216 6.42 -3.80 -28.80
C ILE B 216 5.37 -4.02 -29.89
N TRP B 217 4.33 -4.77 -29.59
CA TRP B 217 3.23 -5.00 -30.54
C TRP B 217 2.39 -3.76 -30.71
N GLY B 218 1.82 -3.57 -31.90
CA GLY B 218 1.03 -2.38 -32.20
C GLY B 218 1.63 -1.09 -31.66
N ALA B 219 2.75 -0.66 -32.26
CA ALA B 219 3.52 0.44 -31.74
C ALA B 219 2.82 1.81 -31.88
N SER B 220 1.90 1.93 -32.83
CA SER B 220 1.16 3.18 -33.05
C SER B 220 -0.06 3.34 -32.13
N GLY B 221 -0.48 2.23 -31.52
CA GLY B 221 -1.60 2.25 -30.59
C GLY B 221 -1.37 3.12 -29.37
N GLY B 222 -2.43 3.40 -28.64
CA GLY B 222 -2.30 4.21 -27.46
C GLY B 222 -1.37 3.56 -26.48
N LEU B 223 -1.33 2.24 -26.52
CA LEU B 223 -0.46 1.50 -25.63
C LEU B 223 0.92 1.46 -26.26
N GLY B 224 0.97 1.10 -27.54
CA GLY B 224 2.22 1.03 -28.28
C GLY B 224 3.15 2.21 -28.10
N VAL B 225 2.64 3.42 -28.35
CA VAL B 225 3.48 4.62 -28.33
C VAL B 225 4.19 4.80 -27.00
N PHE B 226 3.56 4.30 -25.94
CA PHE B 226 4.10 4.45 -24.59
C PHE B 226 5.12 3.38 -24.22
N GLY B 227 5.02 2.21 -24.84
CA GLY B 227 6.04 1.20 -24.66
C GLY B 227 7.32 1.71 -25.27
N VAL B 228 7.24 2.04 -26.55
CA VAL B 228 8.34 2.64 -27.26
C VAL B 228 9.05 3.78 -26.51
N GLN B 229 8.29 4.80 -26.12
CA GLN B 229 8.87 5.93 -25.39
C GLN B 229 9.57 5.51 -24.08
N LEU B 230 8.84 4.79 -23.22
CA LEU B 230 9.39 4.32 -21.96
C LEU B 230 10.69 3.53 -22.12
N CYS B 231 10.76 2.67 -23.13
CA CYS B 231 11.99 1.93 -23.40
C CYS B 231 13.14 2.88 -23.63
N ALA B 232 13.03 3.60 -24.75
CA ALA B 232 13.96 4.65 -25.11
C ALA B 232 14.37 5.56 -23.95
N ALA B 233 13.38 6.07 -23.21
CA ALA B 233 13.65 6.98 -22.10
C ALA B 233 14.39 6.35 -20.93
N SER B 234 14.65 5.04 -21.02
CA SER B 234 15.23 4.29 -19.92
C SER B 234 16.55 3.63 -20.29
N GLY B 235 16.82 3.56 -21.59
CA GLY B 235 18.06 3.00 -22.10
C GLY B 235 17.81 1.80 -23.00
N ALA B 236 16.59 1.31 -22.96
CA ALA B 236 16.29 0.09 -23.67
C ALA B 236 16.01 0.39 -25.13
N ASN B 237 15.70 -0.65 -25.89
CA ASN B 237 15.63 -0.56 -27.34
C ASN B 237 14.34 -1.12 -27.90
N ALA B 238 13.32 -0.29 -28.02
CA ALA B 238 12.04 -0.82 -28.44
C ALA B 238 12.07 -1.30 -29.88
N ILE B 239 11.43 -2.43 -30.15
CA ILE B 239 11.36 -3.00 -31.50
C ILE B 239 9.93 -2.99 -32.00
N ALA B 240 9.55 -1.93 -32.70
CA ALA B 240 8.14 -1.71 -32.99
C ALA B 240 7.54 -2.68 -34.00
N VAL B 241 6.22 -2.86 -33.92
CA VAL B 241 5.49 -3.63 -34.92
C VAL B 241 4.26 -2.88 -35.39
N ILE B 242 4.07 -2.87 -36.71
CA ILE B 242 3.03 -2.06 -37.31
C ILE B 242 2.35 -2.81 -38.45
N SER B 243 1.38 -2.15 -39.09
CA SER B 243 0.64 -2.71 -40.22
C SER B 243 0.39 -1.68 -41.33
N ASP B 244 1.14 -0.59 -41.31
CA ASP B 244 1.09 0.44 -42.34
C ASP B 244 2.45 1.12 -42.42
N GLU B 245 3.02 1.23 -43.62
CA GLU B 245 4.40 1.72 -43.73
C GLU B 245 4.48 3.25 -43.60
N SER B 246 3.33 3.91 -43.67
CA SER B 246 3.27 5.35 -43.44
C SER B 246 3.46 5.62 -41.97
N LYS B 247 3.17 4.61 -41.15
CA LYS B 247 3.36 4.69 -39.70
C LYS B 247 4.83 4.58 -39.28
N ARG B 248 5.71 4.18 -40.20
CA ARG B 248 7.12 3.92 -39.88
C ARG B 248 7.87 5.13 -39.32
N ASP B 249 7.77 6.27 -40.00
CA ASP B 249 8.45 7.50 -39.59
C ASP B 249 8.00 7.91 -38.19
N TYR B 250 6.68 7.84 -37.96
CA TYR B 250 6.08 8.16 -36.66
C TYR B 250 6.81 7.51 -35.51
N VAL B 251 6.67 6.19 -35.42
CA VAL B 251 7.16 5.41 -34.29
C VAL B 251 8.66 5.56 -34.15
N MET B 252 9.33 5.82 -35.25
CA MET B 252 10.77 5.86 -35.24
C MET B 252 11.28 7.20 -34.69
N SER B 253 10.44 8.23 -34.78
CA SER B 253 10.77 9.54 -34.21
C SER B 253 10.50 9.54 -32.70
N LEU B 254 9.99 8.43 -32.19
CA LEU B 254 9.62 8.30 -30.79
C LEU B 254 10.77 7.77 -29.93
N GLY B 255 11.70 7.07 -30.59
CA GLY B 255 12.85 6.51 -29.90
C GLY B 255 13.06 5.07 -30.29
N ALA B 256 12.15 4.56 -31.12
CA ALA B 256 12.22 3.19 -31.59
C ALA B 256 13.57 2.91 -32.18
N LYS B 257 14.03 1.68 -32.04
CA LYS B 257 15.32 1.35 -32.61
C LYS B 257 15.11 0.25 -33.63
N GLY B 258 14.11 0.42 -34.47
CA GLY B 258 13.81 -0.58 -35.47
C GLY B 258 12.31 -0.72 -35.64
N VAL B 259 11.91 -1.33 -36.74
CA VAL B 259 10.50 -1.53 -37.05
C VAL B 259 10.31 -2.81 -37.85
N ILE B 260 9.10 -3.36 -37.81
CA ILE B 260 8.79 -4.58 -38.52
C ILE B 260 7.33 -4.53 -38.87
N ASN B 261 6.95 -5.25 -39.90
CA ASN B 261 5.57 -5.22 -40.34
C ASN B 261 4.93 -6.60 -40.41
N ARG B 262 3.89 -6.82 -39.61
CA ARG B 262 3.30 -8.14 -39.46
C ARG B 262 2.64 -8.68 -40.73
N LYS B 263 2.31 -7.80 -41.67
CA LYS B 263 1.57 -8.20 -42.88
C LYS B 263 2.37 -9.10 -43.81
N ASP B 264 3.68 -9.12 -43.63
CA ASP B 264 4.59 -9.88 -44.50
C ASP B 264 4.55 -11.39 -44.23
N PHE B 265 4.00 -11.78 -43.11
CA PHE B 265 4.05 -13.17 -42.68
C PHE B 265 2.67 -13.80 -42.58
N ASP B 266 2.61 -15.07 -42.20
CA ASP B 266 1.34 -15.78 -42.09
C ASP B 266 1.22 -16.53 -40.78
N CYS B 267 2.29 -16.53 -40.01
CA CYS B 267 2.35 -17.24 -38.73
C CYS B 267 1.29 -16.79 -37.74
N TRP B 268 0.21 -16.21 -38.26
CA TRP B 268 -0.85 -15.72 -37.40
C TRP B 268 -1.96 -16.76 -37.25
N GLY B 269 -2.61 -16.74 -36.08
CA GLY B 269 -3.67 -17.67 -35.79
C GLY B 269 -3.30 -18.56 -34.62
N GLN B 270 -4.25 -19.34 -34.14
CA GLN B 270 -4.01 -20.22 -32.99
C GLN B 270 -2.82 -21.14 -33.27
N LEU B 271 -2.48 -21.97 -32.29
CA LEU B 271 -1.38 -22.91 -32.41
C LEU B 271 -1.80 -24.21 -33.08
N PRO B 272 -1.31 -24.43 -34.31
CA PRO B 272 -1.60 -25.67 -35.05
C PRO B 272 -1.31 -26.88 -34.18
N THR B 273 -2.27 -27.80 -34.07
CA THR B 273 -2.05 -29.01 -33.31
C THR B 273 -0.66 -29.57 -33.67
N VAL B 274 0.03 -30.11 -32.67
CA VAL B 274 1.46 -30.37 -32.76
C VAL B 274 1.85 -31.57 -33.61
N ASN B 275 3.01 -31.47 -34.25
CA ASN B 275 3.57 -32.53 -35.08
C ASN B 275 2.93 -32.62 -36.46
N SER B 276 1.96 -31.75 -36.67
CA SER B 276 1.29 -31.63 -37.95
C SER B 276 2.09 -30.72 -38.86
N PRO B 277 2.12 -31.02 -40.16
CA PRO B 277 2.85 -30.20 -41.13
C PRO B 277 2.58 -28.70 -40.96
N GLU B 278 1.31 -28.31 -40.76
CA GLU B 278 0.98 -26.91 -40.49
C GLU B 278 1.80 -26.37 -39.32
N TYR B 279 1.99 -27.20 -38.30
CA TYR B 279 2.83 -26.82 -37.19
C TYR B 279 4.29 -26.65 -37.65
N ASN B 280 4.66 -27.39 -38.68
CA ASN B 280 6.02 -27.31 -39.21
C ASN B 280 6.18 -26.14 -40.18
N THR B 281 5.11 -25.81 -40.88
CA THR B 281 5.10 -24.69 -41.81
C THR B 281 4.94 -23.41 -41.02
N TRP B 282 4.24 -23.52 -39.89
CA TRP B 282 4.06 -22.42 -38.97
C TRP B 282 5.42 -21.98 -38.41
N LEU B 283 6.12 -22.93 -37.80
CA LEU B 283 7.43 -22.63 -37.22
C LEU B 283 8.38 -22.05 -38.26
N LYS B 284 8.12 -22.33 -39.54
CA LYS B 284 9.02 -21.90 -40.59
C LYS B 284 9.01 -20.38 -40.76
N GLU B 285 7.82 -19.79 -40.89
CA GLU B 285 7.70 -18.36 -41.11
C GLU B 285 8.01 -17.60 -39.83
N ALA B 286 7.46 -18.09 -38.73
CA ALA B 286 7.70 -17.50 -37.43
C ALA B 286 9.20 -17.29 -37.20
N ARG B 287 10.01 -18.27 -37.62
CA ARG B 287 11.47 -18.13 -37.53
C ARG B 287 11.95 -16.95 -38.41
N LYS B 288 11.34 -16.78 -39.58
CA LYS B 288 11.64 -15.61 -40.42
C LYS B 288 11.42 -14.33 -39.60
N PHE B 289 10.26 -14.26 -38.95
CA PHE B 289 9.94 -13.20 -38.01
C PHE B 289 11.02 -13.01 -36.93
N GLY B 290 11.59 -14.12 -36.46
CA GLY B 290 12.65 -14.08 -35.47
C GLY B 290 13.90 -13.39 -35.96
N LYS B 291 14.40 -13.79 -37.13
CA LYS B 291 15.56 -13.16 -37.74
C LYS B 291 15.30 -11.67 -37.96
N ALA B 292 14.07 -11.35 -38.38
CA ALA B 292 13.67 -9.96 -38.57
C ALA B 292 14.12 -9.11 -37.39
N ILE B 293 14.03 -9.67 -36.18
CA ILE B 293 14.58 -9.05 -34.99
C ILE B 293 16.11 -8.96 -34.97
N TRP B 294 16.78 -10.10 -35.03
CA TRP B 294 18.24 -10.14 -35.04
C TRP B 294 18.85 -9.19 -36.07
N ASP B 295 18.17 -9.00 -37.20
CA ASP B 295 18.61 -8.03 -38.19
C ASP B 295 18.72 -6.66 -37.56
N ILE B 296 17.84 -6.40 -36.61
CA ILE B 296 17.89 -5.18 -35.81
C ILE B 296 18.76 -5.32 -34.54
N THR B 297 18.65 -6.46 -33.85
CA THR B 297 19.22 -6.63 -32.51
C THR B 297 20.62 -7.20 -32.52
N GLY B 298 21.01 -7.74 -33.65
CA GLY B 298 22.22 -8.53 -33.70
C GLY B 298 21.76 -9.96 -33.55
N LYS B 299 22.63 -10.90 -33.87
CA LYS B 299 22.22 -12.29 -33.93
C LYS B 299 22.55 -13.02 -32.64
N GLY B 300 21.63 -13.88 -32.21
CA GLY B 300 21.75 -14.59 -30.94
C GLY B 300 21.12 -13.75 -29.86
N ASN B 301 20.51 -12.66 -30.30
CA ASN B 301 19.99 -11.65 -29.39
C ASN B 301 18.49 -11.58 -29.38
N ASP B 302 17.85 -12.44 -28.56
CA ASP B 302 16.40 -12.47 -28.46
C ASP B 302 15.90 -11.39 -27.48
N VAL B 303 14.67 -10.93 -27.67
CA VAL B 303 14.14 -9.87 -26.80
C VAL B 303 13.97 -10.30 -25.35
N ASP B 304 14.34 -9.40 -24.45
CA ASP B 304 14.14 -9.60 -23.01
C ASP B 304 12.68 -9.66 -22.57
N ILE B 305 11.83 -8.90 -23.26
CA ILE B 305 10.42 -8.76 -22.92
C ILE B 305 9.56 -8.63 -24.17
N VAL B 306 8.53 -9.47 -24.29
CA VAL B 306 7.48 -9.21 -25.28
C VAL B 306 6.34 -8.46 -24.60
N PHE B 307 5.85 -7.43 -25.27
CA PHE B 307 4.88 -6.49 -24.72
C PHE B 307 3.58 -6.71 -25.49
N GLU B 308 2.77 -7.62 -24.98
CA GLU B 308 1.62 -8.15 -25.72
C GLU B 308 0.30 -7.47 -25.37
N HIS B 309 -0.70 -7.69 -26.24
CA HIS B 309 -2.09 -7.23 -26.03
C HIS B 309 -3.08 -7.72 -27.12
N PRO B 310 -2.60 -7.95 -28.36
CA PRO B 310 -3.49 -8.50 -29.39
C PRO B 310 -3.96 -9.92 -29.07
N GLY B 311 -3.08 -10.73 -28.49
CA GLY B 311 -3.51 -11.99 -27.89
C GLY B 311 -3.61 -13.19 -28.79
N GLU B 312 -4.82 -13.75 -28.89
CA GLU B 312 -5.05 -15.03 -29.56
C GLU B 312 -4.25 -15.27 -30.83
N ALA B 313 -4.18 -14.25 -31.66
CA ALA B 313 -3.59 -14.37 -32.99
C ALA B 313 -2.06 -14.37 -33.05
N THR B 314 -1.42 -13.90 -31.99
CA THR B 314 0.02 -13.70 -32.05
C THR B 314 0.74 -14.47 -30.95
N PHE B 315 0.03 -14.74 -29.87
CA PHE B 315 0.64 -15.32 -28.69
C PHE B 315 1.57 -16.52 -28.98
N PRO B 316 1.08 -17.50 -29.76
CA PRO B 316 1.89 -18.62 -30.21
C PRO B 316 3.25 -18.13 -30.67
N VAL B 317 3.26 -17.02 -31.40
CA VAL B 317 4.51 -16.46 -31.89
C VAL B 317 5.29 -15.74 -30.78
N SER B 318 4.60 -14.90 -30.02
CA SER B 318 5.27 -14.15 -28.96
C SER B 318 6.02 -15.05 -27.97
N THR B 319 5.45 -16.22 -27.66
CA THR B 319 6.09 -17.15 -26.70
C THR B 319 7.31 -17.84 -27.28
N LEU B 320 7.51 -17.70 -28.58
CA LEU B 320 8.62 -18.36 -29.24
C LEU B 320 9.87 -17.47 -29.29
N VAL B 321 9.64 -16.18 -29.52
CA VAL B 321 10.72 -15.24 -29.79
C VAL B 321 11.40 -14.70 -28.54
N ALA B 322 10.76 -14.86 -27.40
CA ALA B 322 11.31 -14.33 -26.16
C ALA B 322 12.50 -15.18 -25.67
N LYS B 323 13.52 -14.50 -25.14
CA LYS B 323 14.74 -15.16 -24.69
C LYS B 323 14.47 -16.12 -23.53
N ARG B 324 15.37 -17.06 -23.32
CA ARG B 324 15.25 -17.84 -22.10
C ARG B 324 15.38 -16.85 -20.96
N GLY B 325 14.51 -17.01 -19.97
CA GLY B 325 14.49 -16.11 -18.83
C GLY B 325 13.68 -14.87 -19.07
N GLY B 326 12.98 -14.81 -20.18
CA GLY B 326 12.23 -13.62 -20.56
C GLY B 326 10.75 -13.69 -20.22
N MET B 327 10.08 -12.55 -20.24
CA MET B 327 8.68 -12.48 -19.84
C MET B 327 7.83 -12.00 -20.99
N ILE B 328 6.64 -12.57 -21.11
CA ILE B 328 5.66 -12.07 -22.05
C ILE B 328 4.47 -11.58 -21.24
N VAL B 329 4.39 -10.26 -21.08
CA VAL B 329 3.32 -9.61 -20.31
C VAL B 329 2.24 -9.05 -21.25
N PHE B 330 1.01 -8.89 -20.74
CA PHE B 330 -0.11 -8.45 -21.57
C PHE B 330 -1.37 -8.05 -20.77
N CYS B 331 -2.19 -7.17 -21.32
CA CYS B 331 -3.34 -6.64 -20.61
C CYS B 331 -4.63 -6.72 -21.42
N ALA B 332 -4.64 -7.55 -22.44
CA ALA B 332 -5.78 -7.59 -23.35
C ALA B 332 -5.69 -8.76 -24.31
N GLY B 333 -6.70 -8.88 -25.15
CA GLY B 333 -6.71 -9.91 -26.17
C GLY B 333 -7.53 -9.44 -27.34
N THR B 334 -7.27 -8.22 -27.79
CA THR B 334 -8.09 -7.56 -28.82
C THR B 334 -8.48 -8.44 -30.03
N THR B 335 -7.84 -9.59 -30.19
CA THR B 335 -8.16 -10.50 -31.29
C THR B 335 -8.54 -11.91 -30.87
N GLY B 336 -9.20 -12.06 -29.71
CA GLY B 336 -9.61 -13.38 -29.25
C GLY B 336 -9.00 -13.73 -27.92
N PHE B 337 -9.58 -14.71 -27.24
CA PHE B 337 -9.15 -15.08 -25.89
C PHE B 337 -8.71 -16.53 -25.76
N ASN B 338 -8.97 -17.33 -26.79
CA ASN B 338 -8.45 -18.68 -26.81
C ASN B 338 -6.95 -18.61 -27.06
N ILE B 339 -6.24 -18.40 -25.96
CA ILE B 339 -4.81 -18.31 -26.02
C ILE B 339 -4.25 -19.69 -26.25
N THR B 340 -3.10 -19.74 -26.90
CA THR B 340 -2.52 -21.02 -27.23
C THR B 340 -1.01 -20.91 -27.31
N PHE B 341 -0.32 -21.95 -26.89
CA PHE B 341 1.14 -22.01 -27.02
C PHE B 341 1.71 -23.38 -26.76
N ASP B 342 2.95 -23.56 -27.17
CA ASP B 342 3.61 -24.84 -27.08
C ASP B 342 4.33 -25.00 -25.75
N ALA B 343 3.76 -25.79 -24.84
CA ALA B 343 4.38 -25.96 -23.51
C ALA B 343 5.90 -26.14 -23.58
N ARG B 344 6.37 -26.91 -24.55
CA ARG B 344 7.81 -27.18 -24.64
C ARG B 344 8.71 -25.94 -24.59
N TYR B 345 8.31 -24.87 -25.26
CA TYR B 345 9.17 -23.70 -25.41
C TYR B 345 9.32 -22.91 -24.11
N VAL B 346 8.23 -22.77 -23.38
CA VAL B 346 8.27 -21.92 -22.21
C VAL B 346 8.85 -22.64 -21.00
N TRP B 347 8.76 -23.96 -20.97
CA TRP B 347 9.29 -24.66 -19.79
C TRP B 347 10.75 -24.97 -19.89
N MET B 348 11.24 -25.22 -21.10
CA MET B 348 12.64 -25.57 -21.25
C MET B 348 13.50 -24.34 -21.15
N ARG B 349 12.97 -23.23 -21.64
CA ARG B 349 13.70 -21.98 -21.63
C ARG B 349 13.20 -21.13 -20.46
N GLN B 350 12.30 -21.71 -19.66
CA GLN B 350 11.83 -21.07 -18.43
C GLN B 350 11.40 -19.61 -18.61
N LYS B 351 10.35 -19.42 -19.40
CA LYS B 351 9.85 -18.10 -19.73
C LYS B 351 8.60 -17.79 -18.92
N ARG B 352 8.46 -16.54 -18.51
CA ARG B 352 7.32 -16.08 -17.72
C ARG B 352 6.19 -15.49 -18.60
N ILE B 353 4.97 -15.93 -18.35
CA ILE B 353 3.81 -15.38 -19.04
C ILE B 353 2.96 -14.68 -18.03
N GLN B 354 2.98 -13.36 -18.07
CA GLN B 354 2.49 -12.55 -16.97
C GLN B 354 1.31 -11.70 -17.42
N GLY B 355 0.15 -11.89 -16.79
CA GLY B 355 -0.99 -11.02 -17.00
C GLY B 355 -0.84 -9.74 -16.20
N SER B 356 -1.40 -8.65 -16.71
CA SER B 356 -1.26 -7.36 -16.06
C SER B 356 -2.51 -6.55 -16.38
N HIS B 357 -2.82 -5.59 -15.52
CA HIS B 357 -4.09 -4.91 -15.55
C HIS B 357 -3.93 -3.52 -14.94
N PHE B 358 -4.17 -2.47 -15.71
CA PHE B 358 -3.87 -1.12 -15.27
C PHE B 358 -2.60 -0.98 -14.43
N ALA B 359 -2.75 -0.24 -13.32
CA ALA B 359 -1.65 0.18 -12.44
C ALA B 359 -2.16 0.88 -11.17
N HIS B 360 -1.31 0.99 -10.16
CA HIS B 360 -1.70 1.67 -8.93
C HIS B 360 -1.04 3.03 -8.81
N LEU B 361 -1.51 3.83 -7.86
CA LEU B 361 -0.98 5.17 -7.70
C LEU B 361 0.53 5.29 -7.83
N LYS B 362 1.30 4.47 -7.11
CA LYS B 362 2.73 4.72 -7.09
C LYS B 362 3.30 4.47 -8.47
N GLN B 363 2.65 3.56 -9.21
CA GLN B 363 3.03 3.28 -10.60
C GLN B 363 2.59 4.41 -11.54
N ALA B 364 1.30 4.74 -11.56
CA ALA B 364 0.85 5.85 -12.41
C ALA B 364 1.68 7.11 -12.22
N SER B 365 2.11 7.36 -10.99
CA SER B 365 2.83 8.58 -10.65
C SER B 365 4.33 8.51 -10.96
N ALA B 366 4.91 7.31 -11.00
CA ALA B 366 6.27 7.16 -11.52
C ALA B 366 6.24 7.48 -12.99
N ALA B 367 5.19 7.02 -13.68
CA ALA B 367 4.98 7.34 -15.09
C ALA B 367 4.80 8.84 -15.28
N ASN B 368 3.86 9.42 -14.55
CA ASN B 368 3.63 10.86 -14.63
C ASN B 368 4.90 11.67 -14.55
N GLN B 369 5.95 11.13 -13.93
CA GLN B 369 7.17 11.90 -13.75
C GLN B 369 7.95 12.04 -15.05
N PHE B 370 7.93 10.98 -15.85
CA PHE B 370 8.52 10.98 -17.18
C PHE B 370 7.95 12.11 -18.02
N VAL B 371 6.65 12.34 -17.89
CA VAL B 371 5.97 13.38 -18.65
C VAL B 371 6.27 14.78 -18.12
N MET B 372 6.46 14.87 -16.81
CA MET B 372 6.71 16.13 -16.14
C MET B 372 8.12 16.63 -16.46
N ASP B 373 9.05 15.69 -16.66
CA ASP B 373 10.42 16.01 -17.00
C ASP B 373 10.58 16.17 -18.51
N ARG B 374 9.46 16.09 -19.21
CA ARG B 374 9.44 16.16 -20.68
C ARG B 374 10.25 15.05 -21.33
N ARG B 375 10.31 13.88 -20.69
CA ARG B 375 11.04 12.73 -21.22
C ARG B 375 10.10 11.80 -21.97
N VAL B 376 8.81 12.07 -21.80
CA VAL B 376 7.74 11.35 -22.49
C VAL B 376 6.67 12.36 -22.85
N ASP B 377 5.98 12.09 -23.95
CA ASP B 377 5.05 13.05 -24.49
C ASP B 377 3.70 12.37 -24.69
N PRO B 378 2.62 13.00 -24.20
CA PRO B 378 1.28 12.40 -24.27
C PRO B 378 0.87 11.81 -25.63
N CYS B 379 1.40 12.31 -26.75
CA CYS B 379 0.99 11.85 -28.07
C CYS B 379 -0.51 11.97 -28.32
N MET B 380 -1.07 13.15 -28.06
CA MET B 380 -2.50 13.35 -28.28
C MET B 380 -2.88 13.24 -29.77
N SER B 381 -3.63 12.20 -30.12
CA SER B 381 -4.04 12.00 -31.50
C SER B 381 -4.87 13.19 -32.00
N GLU B 382 -6.01 13.46 -31.38
CA GLU B 382 -6.85 14.62 -31.71
C GLU B 382 -7.84 14.97 -30.59
N VAL B 383 -8.50 16.11 -30.68
CA VAL B 383 -9.40 16.54 -29.61
C VAL B 383 -10.78 16.97 -30.12
N PHE B 384 -11.84 16.39 -29.56
CA PHE B 384 -13.20 16.74 -29.92
C PHE B 384 -13.80 17.69 -28.89
N PRO B 385 -14.84 18.44 -29.28
CA PRO B 385 -15.46 19.34 -28.30
C PRO B 385 -16.57 18.67 -27.50
N TRP B 386 -17.06 19.37 -26.50
CA TRP B 386 -18.07 18.83 -25.61
C TRP B 386 -19.26 18.14 -26.32
N ASP B 387 -19.67 18.65 -27.48
CA ASP B 387 -20.85 18.10 -28.14
C ASP B 387 -20.56 16.94 -29.10
N LYS B 388 -19.32 16.45 -29.05
CA LYS B 388 -18.91 15.41 -29.98
C LYS B 388 -18.41 14.21 -29.22
N ILE B 389 -18.60 14.23 -27.91
CA ILE B 389 -18.07 13.17 -27.08
C ILE B 389 -18.55 11.77 -27.50
N PRO B 390 -19.85 11.61 -27.75
CA PRO B 390 -20.32 10.31 -28.23
C PRO B 390 -19.76 9.98 -29.61
N ALA B 391 -19.67 10.99 -30.47
CA ALA B 391 -19.01 10.86 -31.76
C ALA B 391 -17.55 10.42 -31.64
N ALA B 392 -16.82 11.05 -30.73
CA ALA B 392 -15.45 10.65 -30.42
C ALA B 392 -15.35 9.16 -30.09
N HIS B 393 -16.31 8.66 -29.31
CA HIS B 393 -16.33 7.25 -28.95
C HIS B 393 -16.65 6.35 -30.13
N THR B 394 -17.65 6.74 -30.92
CA THR B 394 -18.00 5.98 -32.10
C THR B 394 -16.77 5.78 -32.99
N LYS B 395 -15.87 6.76 -32.97
CA LYS B 395 -14.72 6.72 -33.86
C LYS B 395 -13.77 5.60 -33.47
N MET B 396 -13.67 5.35 -32.17
CA MET B 396 -12.80 4.30 -31.64
C MET B 396 -13.42 2.95 -31.93
N TRP B 397 -14.66 2.80 -31.49
CA TRP B 397 -15.50 1.64 -31.79
C TRP B 397 -15.03 0.84 -33.02
N LYS B 398 -15.38 1.29 -34.22
CA LYS B 398 -14.77 0.77 -35.43
C LYS B 398 -13.50 1.56 -35.61
N ASN B 399 -12.38 0.87 -35.71
CA ASN B 399 -11.09 1.51 -35.56
C ASN B 399 -10.72 2.47 -36.69
N GLN B 400 -11.17 3.71 -36.56
CA GLN B 400 -10.94 4.75 -37.56
C GLN B 400 -10.19 5.95 -36.99
N HIS B 401 -9.74 5.84 -35.74
CA HIS B 401 -9.00 6.92 -35.10
C HIS B 401 -7.53 6.91 -35.49
N PRO B 402 -6.87 8.08 -35.42
CA PRO B 402 -5.45 8.19 -35.75
C PRO B 402 -4.61 7.68 -34.60
N PRO B 403 -3.36 7.28 -34.89
CA PRO B 403 -2.46 6.74 -33.89
C PRO B 403 -2.31 7.67 -32.71
N GLY B 404 -2.27 7.09 -31.51
CA GLY B 404 -2.11 7.86 -30.30
C GLY B 404 -3.39 7.90 -29.50
N ASN B 405 -3.56 8.98 -28.73
CA ASN B 405 -4.61 9.07 -27.71
C ASN B 405 -5.61 10.23 -27.87
N MET B 406 -6.88 9.92 -28.10
CA MET B 406 -7.90 10.96 -28.21
C MET B 406 -8.24 11.68 -26.90
N ALA B 407 -8.96 12.79 -27.03
CA ALA B 407 -9.35 13.61 -25.88
C ALA B 407 -10.60 14.40 -26.24
N VAL B 408 -11.35 14.85 -25.25
CA VAL B 408 -12.51 15.69 -25.51
C VAL B 408 -12.51 16.85 -24.52
N LEU B 409 -13.15 17.95 -24.89
CA LEU B 409 -13.22 19.12 -24.03
C LEU B 409 -14.46 19.13 -23.11
N VAL B 410 -14.26 19.70 -21.93
CA VAL B 410 -15.36 19.96 -21.01
C VAL B 410 -15.51 21.45 -20.74
N ASN B 411 -15.02 21.91 -19.60
CA ASN B 411 -15.15 23.33 -19.25
C ASN B 411 -14.11 24.19 -19.94
N SER B 412 -13.11 23.56 -20.53
CA SER B 412 -12.17 24.27 -21.40
C SER B 412 -12.86 24.52 -22.73
N THR B 413 -13.07 25.79 -23.03
CA THR B 413 -13.97 26.21 -24.10
C THR B 413 -13.38 26.24 -25.52
N ARG B 414 -12.07 26.00 -25.63
CA ARG B 414 -11.44 25.91 -26.94
C ARG B 414 -10.13 25.15 -26.90
N ALA B 415 -9.78 24.53 -28.03
CA ALA B 415 -8.56 23.76 -28.10
C ALA B 415 -7.37 24.70 -27.96
N GLY B 416 -6.32 24.24 -27.30
CA GLY B 416 -5.07 24.97 -27.18
C GLY B 416 -4.93 25.81 -25.93
N LEU B 417 -5.98 25.86 -25.12
CA LEU B 417 -5.97 26.57 -23.84
C LEU B 417 -5.15 25.85 -22.74
N ARG B 418 -4.36 26.63 -22.00
CA ARG B 418 -3.42 26.08 -21.03
C ARG B 418 -3.80 26.41 -19.59
N THR B 419 -3.92 27.69 -19.27
CA THR B 419 -4.27 28.06 -17.90
C THR B 419 -5.76 28.28 -17.72
N VAL B 420 -6.18 28.60 -16.50
CA VAL B 420 -7.57 28.92 -16.19
C VAL B 420 -7.88 30.36 -16.61
N GLU B 421 -6.87 31.22 -16.54
CA GLU B 421 -6.94 32.57 -17.10
C GLU B 421 -7.30 32.51 -18.58
N ASP B 422 -6.61 31.63 -19.31
CA ASP B 422 -6.91 31.38 -20.72
C ASP B 422 -8.37 30.97 -20.97
N VAL B 423 -8.93 30.12 -20.11
CA VAL B 423 -10.31 29.65 -20.24
C VAL B 423 -11.35 30.75 -20.00
N ILE B 424 -10.97 31.71 -19.18
CA ILE B 424 -11.86 32.80 -18.84
C ILE B 424 -11.99 33.76 -20.00
N GLU B 425 -10.87 34.35 -20.42
CA GLU B 425 -10.86 35.30 -21.50
C GLU B 425 -11.34 34.74 -22.85
N ALA B 426 -11.34 33.42 -22.98
CA ALA B 426 -11.83 32.77 -24.20
C ALA B 426 -13.34 32.68 -24.21
N GLY B 427 -13.92 32.76 -23.03
CA GLY B 427 -15.35 32.93 -22.87
C GLY B 427 -16.11 31.67 -22.55
N PRO B 428 -17.18 31.81 -21.74
CA PRO B 428 -18.12 30.72 -21.44
C PRO B 428 -18.68 30.14 -22.72
N LEU B 429 -19.32 28.99 -22.61
CA LEU B 429 -19.89 28.33 -23.76
C LEU B 429 -21.13 27.50 -23.38
N LYS B 430 -22.16 27.58 -24.22
CA LYS B 430 -23.44 26.89 -23.97
C LYS B 430 -23.23 25.38 -23.98
N ALA B 431 -23.75 24.74 -22.96
CA ALA B 431 -23.53 23.32 -22.82
C ALA B 431 -24.54 22.50 -23.56
N MET B 432 -25.71 23.06 -23.84
CA MET B 432 -26.70 22.28 -24.55
C MET B 432 -26.85 22.65 -26.01
N ALA B 433 -27.72 23.58 -26.33
CA ALA B 433 -28.01 23.79 -27.73
C ALA B 433 -26.78 24.19 -28.51
N ALA B 434 -25.95 23.23 -28.88
CA ALA B 434 -24.81 23.58 -29.71
C ALA B 434 -24.29 22.44 -30.53
#